data_1V1B
#
_entry.id   1V1B
#
_cell.length_a   84.721
_cell.length_b   84.721
_cell.length_c   321.613
_cell.angle_alpha   90.00
_cell.angle_beta   90.00
_cell.angle_gamma   120.00
#
_symmetry.space_group_name_H-M   'P 63'
#
loop_
_entity.id
_entity.type
_entity.pdbx_description
1 polymer '2-KETO-3-DEOXYGLUCONATE KINASE'
2 non-polymer "ADENOSINE-5'-TRIPHOSPHATE"
3 water water
#
_entity_poly.entity_id   1
_entity_poly.type   'polypeptide(L)'
_entity_poly.pdbx_seq_one_letter_code
;MLEVVTAGEPLVALVPQEPGHLRGKRLLEVYVGGAEVNVAVALARLGVKVGFVGRVGEDELGAMVEERLRAEGVDLTHFR
RAPGFTGLYLREYLPLGQGRVFYYRKGSAGSALAPGAFDPDYLEGVRFLHLSGITPALSPEARAFSLWAMEEAKRRGVRV
SLDVNYRQTLWSPEEARGFLERALPGVDLLFLSEEEAELLFGRVEEALRALSAPEVVLKRGAKGAWAFVDGRRVEGSAFA
VEAVDPVGAGDAFAAGYLAGAVWGLPVEERLRLANLLGASVAASRGDHEGAPYREDLEVLLKATQTFMR
;
_entity_poly.pdbx_strand_id   A,B,C,D
#
loop_
_chem_comp.id
_chem_comp.type
_chem_comp.name
_chem_comp.formula
ATP non-polymer ADENOSINE-5'-TRIPHOSPHATE 'C10 H16 N5 O13 P3'
#
# COMPACT_ATOMS: atom_id res chain seq x y z
N MET A 1 38.32 -37.43 33.83
CA MET A 1 38.93 -38.55 33.05
C MET A 1 37.89 -39.62 32.69
N LEU A 2 37.53 -39.69 31.41
CA LEU A 2 36.55 -40.67 30.97
C LEU A 2 37.03 -42.11 31.13
N GLU A 3 36.08 -43.02 31.28
CA GLU A 3 36.37 -44.43 31.43
C GLU A 3 36.00 -45.14 30.14
N VAL A 4 34.84 -44.79 29.60
CA VAL A 4 34.32 -45.40 28.37
C VAL A 4 33.92 -44.35 27.35
N VAL A 5 34.19 -44.65 26.08
CA VAL A 5 33.85 -43.75 24.98
C VAL A 5 33.18 -44.56 23.87
N THR A 6 31.99 -44.14 23.48
CA THR A 6 31.26 -44.83 22.43
C THR A 6 30.92 -43.85 21.31
N ALA A 7 30.59 -44.38 20.13
CA ALA A 7 30.26 -43.52 19.00
C ALA A 7 29.36 -44.22 17.99
N GLY A 8 28.58 -43.42 17.27
CA GLY A 8 27.68 -43.97 16.28
C GLY A 8 26.61 -42.96 15.87
N GLU A 9 25.54 -43.46 15.26
CA GLU A 9 24.44 -42.63 14.81
C GLU A 9 23.26 -42.67 15.79
N PRO A 10 22.86 -41.50 16.30
CA PRO A 10 21.73 -41.45 17.23
C PRO A 10 20.45 -41.57 16.40
N LEU A 11 19.38 -42.08 17.00
CA LEU A 11 18.12 -42.20 16.28
C LEU A 11 16.94 -41.92 17.20
N VAL A 12 15.82 -41.53 16.61
CA VAL A 12 14.61 -41.27 17.38
C VAL A 12 13.66 -42.41 17.04
N ALA A 13 13.15 -43.05 18.09
CA ALA A 13 12.24 -44.17 17.93
C ALA A 13 10.79 -43.77 18.10
N LEU A 14 9.96 -44.17 17.12
CA LEU A 14 8.53 -43.89 17.15
C LEU A 14 7.86 -45.24 17.41
N VAL A 15 7.26 -45.39 18.58
CA VAL A 15 6.62 -46.65 18.97
C VAL A 15 5.16 -46.51 19.39
N PRO A 16 4.29 -47.41 18.92
CA PRO A 16 2.87 -47.33 19.31
C PRO A 16 2.71 -47.68 20.80
N GLN A 17 1.59 -47.25 21.38
CA GLN A 17 1.30 -47.48 22.78
C GLN A 17 1.11 -48.96 23.13
N GLU A 18 0.61 -49.73 22.18
CA GLU A 18 0.39 -51.16 22.40
C GLU A 18 0.67 -51.97 21.13
N PRO A 19 0.59 -53.30 21.22
CA PRO A 19 0.85 -54.13 20.04
C PRO A 19 -0.12 -53.80 18.91
N GLY A 20 0.15 -54.36 17.73
CA GLY A 20 -0.72 -54.11 16.60
C GLY A 20 -0.01 -53.46 15.42
N HIS A 21 -0.55 -53.70 14.24
CA HIS A 21 -0.02 -53.15 12.99
C HIS A 21 0.03 -51.64 13.08
N LEU A 22 1.13 -51.07 12.59
CA LEU A 22 1.35 -49.64 12.57
C LEU A 22 0.19 -48.86 11.91
N ARG A 23 -0.22 -49.34 10.74
CA ARG A 23 -1.26 -48.68 9.98
C ARG A 23 -2.55 -48.40 10.75
N GLY A 24 -2.74 -49.08 11.88
CA GLY A 24 -3.94 -48.84 12.67
C GLY A 24 -3.75 -47.93 13.88
N LYS A 25 -2.52 -47.47 14.10
CA LYS A 25 -2.21 -46.59 15.22
C LYS A 25 -2.53 -45.13 14.93
N ARG A 26 -2.98 -44.40 15.95
CA ARG A 26 -3.31 -42.98 15.80
C ARG A 26 -2.38 -42.11 16.66
N LEU A 27 -1.61 -42.74 17.53
CA LEU A 27 -0.67 -42.04 18.38
C LEU A 27 0.61 -42.85 18.57
N LEU A 28 1.74 -42.16 18.60
CA LEU A 28 3.02 -42.82 18.77
C LEU A 28 3.89 -42.18 19.84
N GLU A 29 4.63 -43.03 20.56
CA GLU A 29 5.52 -42.60 21.62
C GLU A 29 6.87 -42.26 20.99
N VAL A 30 7.46 -41.17 21.46
CA VAL A 30 8.75 -40.73 20.94
C VAL A 30 9.86 -41.10 21.91
N TYR A 31 10.87 -41.80 21.40
CA TYR A 31 11.99 -42.22 22.22
C TYR A 31 13.32 -41.91 21.55
N VAL A 32 14.36 -41.76 22.35
CA VAL A 32 15.68 -41.51 21.81
C VAL A 32 16.43 -42.82 21.80
N GLY A 33 16.77 -43.27 20.60
CA GLY A 33 17.47 -44.54 20.45
C GLY A 33 18.85 -44.44 19.85
N GLY A 34 19.32 -45.56 19.30
CA GLY A 34 20.65 -45.62 18.72
C GLY A 34 21.48 -46.51 19.62
N ALA A 35 21.86 -47.67 19.10
CA ALA A 35 22.64 -48.65 19.84
C ALA A 35 23.64 -48.08 20.83
N GLU A 36 24.66 -47.39 20.32
CA GLU A 36 25.69 -46.82 21.18
C GLU A 36 25.18 -45.69 22.09
N VAL A 37 24.04 -45.13 21.73
CA VAL A 37 23.41 -44.08 22.53
C VAL A 37 22.82 -44.76 23.77
N ASN A 38 22.20 -45.92 23.54
CA ASN A 38 21.60 -46.72 24.61
C ASN A 38 22.68 -47.10 25.60
N VAL A 39 23.81 -47.56 25.08
CA VAL A 39 24.96 -47.97 25.88
C VAL A 39 25.51 -46.80 26.69
N ALA A 40 25.64 -45.65 26.03
CA ALA A 40 26.16 -44.45 26.67
C ALA A 40 25.33 -44.06 27.89
N VAL A 41 24.01 -43.95 27.69
CA VAL A 41 23.12 -43.59 28.79
C VAL A 41 23.13 -44.62 29.91
N ALA A 42 23.03 -45.90 29.54
CA ALA A 42 23.02 -46.99 30.52
C ALA A 42 24.23 -46.91 31.44
N LEU A 43 25.40 -46.62 30.87
CA LEU A 43 26.64 -46.52 31.64
C LEU A 43 26.65 -45.28 32.51
N ALA A 44 26.19 -44.16 31.96
CA ALA A 44 26.13 -42.91 32.70
C ALA A 44 25.24 -43.08 33.93
N ARG A 45 24.11 -43.73 33.74
CA ARG A 45 23.16 -43.97 34.82
C ARG A 45 23.79 -44.78 35.94
N LEU A 46 24.78 -45.61 35.60
CA LEU A 46 25.45 -46.45 36.58
C LEU A 46 26.64 -45.74 37.21
N GLY A 47 26.84 -44.48 36.81
CA GLY A 47 27.94 -43.72 37.35
C GLY A 47 29.25 -43.85 36.58
N VAL A 48 29.22 -44.56 35.47
CA VAL A 48 30.43 -44.72 34.67
C VAL A 48 30.67 -43.46 33.84
N LYS A 49 31.90 -42.95 33.90
CA LYS A 49 32.27 -41.75 33.15
C LYS A 49 32.33 -42.16 31.67
N VAL A 50 31.36 -41.69 30.89
CA VAL A 50 31.30 -42.04 29.48
C VAL A 50 31.07 -40.83 28.58
N GLY A 51 31.64 -40.89 27.39
CA GLY A 51 31.47 -39.82 26.43
C GLY A 51 30.84 -40.41 25.18
N PHE A 52 30.10 -39.60 24.44
CA PHE A 52 29.46 -40.08 23.22
C PHE A 52 29.90 -39.24 22.00
N VAL A 53 30.39 -39.92 20.96
CA VAL A 53 30.81 -39.22 19.76
C VAL A 53 29.80 -39.43 18.63
N GLY A 54 29.33 -38.33 18.07
CA GLY A 54 28.37 -38.43 16.99
C GLY A 54 27.77 -37.10 16.59
N ARG A 55 26.95 -37.12 15.55
CA ARG A 55 26.30 -35.92 15.07
C ARG A 55 24.82 -36.16 14.88
N VAL A 56 24.06 -35.07 14.89
CA VAL A 56 22.62 -35.12 14.70
C VAL A 56 22.28 -33.94 13.80
N GLY A 57 21.05 -33.90 13.30
CA GLY A 57 20.68 -32.80 12.44
C GLY A 57 20.40 -31.55 13.24
N GLU A 58 20.34 -30.40 12.56
CA GLU A 58 20.06 -29.13 13.22
C GLU A 58 18.55 -28.94 13.26
N ASP A 59 17.84 -29.99 13.69
CA ASP A 59 16.40 -29.96 13.79
C ASP A 59 15.95 -30.19 15.22
N GLU A 60 14.64 -30.31 15.44
CA GLU A 60 14.11 -30.52 16.77
C GLU A 60 14.40 -31.90 17.36
N LEU A 61 14.46 -32.91 16.50
CA LEU A 61 14.76 -34.25 16.98
C LEU A 61 16.23 -34.35 17.39
N GLY A 62 17.09 -33.67 16.63
CA GLY A 62 18.50 -33.69 16.96
C GLY A 62 18.69 -33.02 18.30
N ALA A 63 17.92 -31.96 18.54
CA ALA A 63 17.96 -31.21 19.79
C ALA A 63 17.51 -32.12 20.92
N MET A 64 16.41 -32.82 20.68
CA MET A 64 15.85 -33.74 21.66
C MET A 64 16.91 -34.74 22.11
N VAL A 65 17.65 -35.29 21.15
CA VAL A 65 18.70 -36.27 21.42
C VAL A 65 19.77 -35.63 22.34
N GLU A 66 20.17 -34.43 21.97
CA GLU A 66 21.17 -33.64 22.67
C GLU A 66 20.80 -33.46 24.15
N GLU A 67 19.54 -33.09 24.41
CA GLU A 67 19.11 -32.89 25.79
C GLU A 67 19.20 -34.17 26.61
N ARG A 68 18.65 -35.27 26.08
CA ARG A 68 18.69 -36.54 26.77
C ARG A 68 20.13 -36.93 27.14
N LEU A 69 21.03 -36.85 26.17
CA LEU A 69 22.43 -37.20 26.40
C LEU A 69 23.05 -36.30 27.47
N ARG A 70 22.71 -35.02 27.41
CA ARG A 70 23.21 -34.02 28.35
C ARG A 70 22.56 -34.22 29.74
N ALA A 71 21.24 -34.43 29.73
CA ALA A 71 20.49 -34.63 30.95
C ALA A 71 21.00 -35.86 31.68
N GLU A 72 21.32 -36.89 30.91
CA GLU A 72 21.82 -38.15 31.47
C GLU A 72 23.27 -38.08 31.92
N GLY A 73 23.91 -36.95 31.66
CA GLY A 73 25.29 -36.78 32.07
C GLY A 73 26.34 -37.46 31.21
N VAL A 74 26.09 -37.54 29.91
CA VAL A 74 27.04 -38.14 28.98
C VAL A 74 27.96 -37.02 28.49
N ASP A 75 29.24 -37.31 28.30
CA ASP A 75 30.16 -36.28 27.83
C ASP A 75 29.98 -36.10 26.33
N LEU A 76 29.59 -34.91 25.93
CA LEU A 76 29.36 -34.60 24.53
C LEU A 76 30.43 -33.64 23.99
N THR A 77 31.66 -33.81 24.47
CA THR A 77 32.76 -32.96 24.02
C THR A 77 32.91 -33.06 22.51
N HIS A 78 32.65 -34.25 21.96
CA HIS A 78 32.77 -34.43 20.52
C HIS A 78 31.46 -34.78 19.87
N PHE A 79 30.38 -34.34 20.50
CA PHE A 79 29.05 -34.56 19.96
C PHE A 79 28.49 -33.18 19.62
N ARG A 80 27.73 -33.10 18.53
CA ARG A 80 27.14 -31.82 18.17
C ARG A 80 26.09 -31.90 17.08
N ARG A 81 25.28 -30.85 17.02
CA ARG A 81 24.21 -30.74 16.05
C ARG A 81 24.82 -30.07 14.81
N ALA A 82 24.84 -30.80 13.71
CA ALA A 82 25.40 -30.27 12.47
C ALA A 82 24.33 -30.19 11.39
N PRO A 83 24.62 -29.49 10.28
CA PRO A 83 23.64 -29.37 9.21
C PRO A 83 23.13 -30.73 8.78
N GLY A 84 21.86 -30.77 8.36
CA GLY A 84 21.29 -32.03 7.95
C GLY A 84 20.13 -32.38 8.87
N PHE A 85 19.68 -33.63 8.80
CA PHE A 85 18.56 -34.08 9.61
C PHE A 85 18.93 -35.24 10.54
N THR A 86 18.10 -35.43 11.56
CA THR A 86 18.30 -36.50 12.52
C THR A 86 17.45 -37.70 12.09
N GLY A 87 18.09 -38.86 11.97
CA GLY A 87 17.36 -40.04 11.54
C GLY A 87 16.35 -40.55 12.56
N LEU A 88 15.30 -41.20 12.07
CA LEU A 88 14.26 -41.76 12.94
C LEU A 88 13.79 -43.07 12.36
N TYR A 89 13.02 -43.82 13.15
CA TYR A 89 12.47 -45.09 12.68
C TYR A 89 11.16 -45.39 13.39
N LEU A 90 10.37 -46.27 12.80
CA LEU A 90 9.08 -46.64 13.36
C LEU A 90 9.01 -48.13 13.65
N ARG A 91 8.81 -48.48 14.91
CA ARG A 91 8.72 -49.86 15.31
C ARG A 91 7.26 -50.31 15.31
N GLU A 92 7.06 -51.61 15.27
CA GLU A 92 5.72 -52.19 15.21
C GLU A 92 5.73 -53.57 15.86
N TYR A 93 5.01 -53.72 16.97
CA TYR A 93 4.95 -55.00 17.67
C TYR A 93 3.61 -55.70 17.49
N LEU A 94 3.63 -56.87 16.85
CA LEU A 94 2.41 -57.62 16.59
C LEU A 94 1.96 -58.50 17.76
N PRO A 95 0.63 -58.67 17.90
CA PRO A 95 -0.04 -59.45 18.94
C PRO A 95 0.70 -60.71 19.34
N LEU A 96 1.17 -61.45 18.35
CA LEU A 96 1.87 -62.70 18.61
C LEU A 96 3.38 -62.59 18.66
N GLY A 97 3.91 -61.38 18.86
CA GLY A 97 5.35 -61.21 18.97
C GLY A 97 6.15 -60.73 17.78
N GLN A 98 5.78 -61.12 16.57
CA GLN A 98 6.53 -60.71 15.39
C GLN A 98 6.48 -59.21 15.13
N GLY A 99 7.65 -58.58 15.14
CA GLY A 99 7.71 -57.14 14.93
C GLY A 99 8.21 -56.76 13.55
N ARG A 100 8.36 -55.46 13.30
CA ARG A 100 8.82 -54.94 12.02
C ARG A 100 9.21 -53.47 12.17
N VAL A 101 10.40 -53.12 11.67
CA VAL A 101 10.92 -51.77 11.76
C VAL A 101 11.03 -51.02 10.42
N PHE A 102 10.66 -49.74 10.43
CA PHE A 102 10.72 -48.88 9.25
C PHE A 102 11.68 -47.72 9.50
N TYR A 103 12.72 -47.63 8.68
CA TYR A 103 13.75 -46.60 8.80
C TYR A 103 13.55 -45.37 7.94
N TYR A 104 14.06 -44.26 8.44
CA TYR A 104 14.02 -42.96 7.78
C TYR A 104 15.31 -42.31 8.27
N ARG A 105 16.44 -42.87 7.84
CA ARG A 105 17.76 -42.42 8.30
C ARG A 105 18.78 -42.21 7.18
N LYS A 106 18.50 -42.75 6.00
CA LYS A 106 19.45 -42.63 4.90
C LYS A 106 19.82 -41.19 4.61
N GLY A 107 21.11 -40.92 4.62
CA GLY A 107 21.61 -39.57 4.34
C GLY A 107 21.48 -38.61 5.50
N SER A 108 21.33 -39.15 6.71
CA SER A 108 21.21 -38.31 7.90
C SER A 108 22.54 -37.71 8.31
N ALA A 109 22.48 -36.70 9.16
CA ALA A 109 23.68 -36.02 9.64
C ALA A 109 24.55 -37.00 10.44
N GLY A 110 23.90 -37.94 11.11
CA GLY A 110 24.63 -38.90 11.92
C GLY A 110 25.33 -40.01 11.15
N SER A 111 24.87 -40.29 9.94
CA SER A 111 25.46 -41.33 9.11
C SER A 111 26.73 -40.85 8.40
N ALA A 112 27.13 -39.62 8.68
CA ALA A 112 28.30 -39.01 8.06
C ALA A 112 29.63 -39.56 8.59
N LEU A 113 29.72 -39.68 9.91
CA LEU A 113 30.93 -40.19 10.57
C LEU A 113 32.01 -40.74 9.65
N ALA A 114 33.16 -40.08 9.67
CA ALA A 114 34.29 -40.49 8.85
C ALA A 114 35.55 -40.38 9.71
N PRO A 115 36.69 -40.94 9.23
CA PRO A 115 37.95 -40.88 9.99
C PRO A 115 38.37 -39.46 10.41
N GLY A 116 38.53 -39.27 11.71
CA GLY A 116 38.91 -37.98 12.24
C GLY A 116 37.73 -37.21 12.78
N ALA A 117 36.58 -37.88 12.88
CA ALA A 117 35.36 -37.24 13.37
C ALA A 117 35.55 -36.60 14.74
N PHE A 118 36.60 -37.00 15.44
CA PHE A 118 36.89 -36.44 16.75
C PHE A 118 38.39 -36.48 17.07
N ASP A 119 38.78 -35.74 18.10
CA ASP A 119 40.19 -35.69 18.49
C ASP A 119 40.61 -36.94 19.24
N PRO A 120 41.56 -37.70 18.66
CA PRO A 120 42.09 -38.94 19.23
C PRO A 120 42.56 -38.80 20.67
N ASP A 121 43.12 -37.65 21.01
CA ASP A 121 43.60 -37.45 22.37
C ASP A 121 42.45 -37.51 23.36
N TYR A 122 41.24 -37.75 22.84
CA TYR A 122 40.05 -37.88 23.65
C TYR A 122 40.11 -39.26 24.31
N LEU A 123 40.64 -40.23 23.57
CA LEU A 123 40.77 -41.61 24.02
C LEU A 123 41.92 -41.83 24.98
N GLU A 124 42.55 -40.74 25.42
CA GLU A 124 43.68 -40.84 26.33
C GLU A 124 43.24 -41.25 27.74
N GLY A 125 43.77 -42.36 28.23
CA GLY A 125 43.44 -42.84 29.56
C GLY A 125 42.09 -43.54 29.65
N VAL A 126 41.40 -43.67 28.52
CA VAL A 126 40.09 -44.33 28.50
C VAL A 126 40.20 -45.84 28.57
N ARG A 127 39.35 -46.43 29.42
CA ARG A 127 39.30 -47.87 29.63
C ARG A 127 38.88 -48.63 28.38
N PHE A 128 37.69 -48.36 27.88
CA PHE A 128 37.18 -49.03 26.68
C PHE A 128 36.63 -48.06 25.65
N LEU A 129 36.53 -48.56 24.43
CA LEU A 129 35.97 -47.84 23.30
C LEU A 129 34.92 -48.80 22.76
N HIS A 130 33.66 -48.39 22.78
CA HIS A 130 32.60 -49.27 22.31
C HIS A 130 31.99 -48.86 20.97
N LEU A 131 31.87 -49.84 20.07
CA LEU A 131 31.29 -49.61 18.76
C LEU A 131 30.38 -50.78 18.39
N SER A 132 29.38 -50.51 17.56
CA SER A 132 28.43 -51.54 17.13
C SER A 132 28.60 -51.80 15.63
N GLY A 133 28.27 -53.01 15.20
CA GLY A 133 28.41 -53.37 13.80
C GLY A 133 27.47 -52.60 12.91
N ILE A 134 26.63 -51.78 13.53
CA ILE A 134 25.67 -51.00 12.76
C ILE A 134 26.37 -49.80 12.14
N THR A 135 27.30 -49.22 12.90
CA THR A 135 28.06 -48.05 12.45
C THR A 135 28.73 -48.26 11.08
N PRO A 136 29.69 -49.20 10.98
CA PRO A 136 30.38 -49.44 9.71
C PRO A 136 29.46 -49.85 8.56
N ALA A 137 28.31 -50.42 8.88
CA ALA A 137 27.35 -50.86 7.88
C ALA A 137 26.59 -49.71 7.22
N LEU A 138 26.65 -48.54 7.82
CA LEU A 138 25.95 -47.40 7.31
C LEU A 138 26.52 -46.83 6.01
N SER A 139 27.83 -46.57 5.99
CA SER A 139 28.44 -46.04 4.78
C SER A 139 29.92 -46.36 4.73
N PRO A 140 30.56 -46.15 3.57
CA PRO A 140 31.99 -46.43 3.42
C PRO A 140 32.83 -45.55 4.33
N GLU A 141 32.31 -44.37 4.64
CA GLU A 141 32.98 -43.42 5.53
C GLU A 141 32.90 -43.94 6.96
N ALA A 142 31.71 -44.39 7.35
CA ALA A 142 31.47 -44.92 8.69
C ALA A 142 32.32 -46.17 8.94
N ARG A 143 32.41 -47.05 7.94
CA ARG A 143 33.20 -48.27 8.08
C ARG A 143 34.67 -47.90 8.25
N ALA A 144 35.12 -46.90 7.48
CA ALA A 144 36.51 -46.45 7.56
C ALA A 144 36.75 -45.84 8.93
N PHE A 145 35.80 -45.01 9.35
CA PHE A 145 35.85 -44.37 10.66
C PHE A 145 36.03 -45.42 11.76
N SER A 146 35.12 -46.39 11.79
CA SER A 146 35.16 -47.46 12.79
C SER A 146 36.54 -48.09 12.85
N LEU A 147 37.07 -48.49 11.70
CA LEU A 147 38.40 -49.09 11.63
C LEU A 147 39.40 -48.11 12.22
N TRP A 148 39.32 -46.85 11.77
CA TRP A 148 40.21 -45.79 12.25
C TRP A 148 40.12 -45.63 13.75
N ALA A 149 38.90 -45.54 14.24
CA ALA A 149 38.65 -45.36 15.66
C ALA A 149 39.34 -46.40 16.55
N MET A 150 39.06 -47.67 16.30
CA MET A 150 39.67 -48.73 17.11
C MET A 150 41.17 -48.86 16.94
N GLU A 151 41.70 -48.19 15.94
CA GLU A 151 43.14 -48.20 15.64
C GLU A 151 43.83 -47.18 16.55
N GLU A 152 43.17 -46.04 16.71
CA GLU A 152 43.70 -44.96 17.54
C GLU A 152 43.56 -45.33 19.01
N ALA A 153 42.60 -46.20 19.30
CA ALA A 153 42.36 -46.64 20.67
C ALA A 153 43.44 -47.62 21.08
N LYS A 154 43.67 -48.61 20.23
CA LYS A 154 44.68 -49.62 20.45
C LYS A 154 46.04 -48.97 20.65
N ARG A 155 46.32 -47.93 19.86
CA ARG A 155 47.59 -47.25 19.97
C ARG A 155 47.68 -46.38 21.21
N ARG A 156 46.56 -46.22 21.90
CA ARG A 156 46.48 -45.43 23.11
C ARG A 156 46.27 -46.37 24.29
N GLY A 157 46.41 -47.67 24.03
CA GLY A 157 46.22 -48.67 25.07
C GLY A 157 44.77 -48.74 25.50
N VAL A 158 43.85 -48.46 24.59
CA VAL A 158 42.43 -48.53 24.90
C VAL A 158 41.83 -49.80 24.32
N ARG A 159 41.28 -50.63 25.19
CA ARG A 159 40.67 -51.89 24.80
C ARG A 159 39.47 -51.59 23.89
N VAL A 160 39.29 -52.41 22.87
CA VAL A 160 38.18 -52.20 21.95
C VAL A 160 37.06 -53.19 22.21
N SER A 161 35.86 -52.65 22.43
CA SER A 161 34.69 -53.47 22.67
C SER A 161 33.76 -53.36 21.47
N LEU A 162 33.32 -54.50 20.95
CA LEU A 162 32.42 -54.49 19.81
C LEU A 162 31.22 -55.41 19.94
N ASP A 163 30.06 -54.89 19.57
CA ASP A 163 28.82 -55.65 19.58
C ASP A 163 28.46 -55.83 18.11
N VAL A 164 28.69 -57.04 17.60
CA VAL A 164 28.40 -57.37 16.22
C VAL A 164 27.15 -56.65 15.72
N ASN A 165 26.04 -56.87 16.43
CA ASN A 165 24.77 -56.24 16.08
C ASN A 165 24.56 -56.23 14.56
N TYR A 166 24.49 -57.41 13.95
CA TYR A 166 24.32 -57.49 12.51
C TYR A 166 22.91 -57.09 12.06
N ARG A 167 22.86 -56.22 11.06
CA ARG A 167 21.59 -55.74 10.52
C ARG A 167 21.48 -56.18 9.06
N GLN A 168 20.50 -57.03 8.77
CA GLN A 168 20.30 -57.52 7.42
C GLN A 168 19.95 -56.36 6.51
N THR A 169 19.38 -55.31 7.10
CA THR A 169 18.97 -54.13 6.34
C THR A 169 20.17 -53.34 5.83
N LEU A 170 21.22 -53.24 6.62
CA LEU A 170 22.41 -52.48 6.23
C LEU A 170 23.36 -53.18 5.25
N TRP A 171 23.73 -54.42 5.53
CA TRP A 171 24.64 -55.15 4.65
C TRP A 171 24.42 -56.66 4.68
N SER A 172 24.98 -57.35 3.69
CA SER A 172 24.86 -58.80 3.57
C SER A 172 25.82 -59.55 4.50
N PRO A 173 25.50 -60.81 4.81
CA PRO A 173 26.33 -61.64 5.70
C PRO A 173 27.80 -61.65 5.30
N GLU A 174 28.07 -61.64 4.00
CA GLU A 174 29.43 -61.65 3.51
C GLU A 174 30.12 -60.31 3.80
N GLU A 175 29.42 -59.22 3.53
CA GLU A 175 29.96 -57.88 3.78
C GLU A 175 30.28 -57.74 5.26
N ALA A 176 29.43 -58.35 6.10
CA ALA A 176 29.62 -58.31 7.55
C ALA A 176 30.83 -59.14 7.94
N ARG A 177 30.94 -60.35 7.36
CA ARG A 177 32.06 -61.24 7.61
C ARG A 177 33.33 -60.54 7.14
N GLY A 178 33.23 -59.92 5.95
CA GLY A 178 34.36 -59.22 5.39
C GLY A 178 34.89 -58.20 6.36
N PHE A 179 33.98 -57.47 7.01
CA PHE A 179 34.36 -56.45 7.98
C PHE A 179 35.00 -57.10 9.19
N LEU A 180 34.26 -57.97 9.86
CA LEU A 180 34.74 -58.66 11.05
C LEU A 180 36.10 -59.30 10.79
N GLU A 181 36.22 -59.98 9.66
CA GLU A 181 37.47 -60.65 9.30
C GLU A 181 38.63 -59.64 9.25
N ARG A 182 38.29 -58.38 9.01
CA ARG A 182 39.26 -57.29 8.91
C ARG A 182 39.45 -56.59 10.26
N ALA A 183 38.36 -56.37 10.97
CA ALA A 183 38.41 -55.67 12.25
C ALA A 183 38.81 -56.54 13.44
N LEU A 184 38.37 -57.80 13.43
CA LEU A 184 38.64 -58.74 14.52
C LEU A 184 39.98 -58.56 15.26
N PRO A 185 41.09 -58.45 14.52
CA PRO A 185 42.41 -58.28 15.13
C PRO A 185 42.51 -57.21 16.24
N GLY A 186 41.84 -56.09 16.05
CA GLY A 186 41.89 -55.02 17.04
C GLY A 186 40.83 -55.08 18.14
N VAL A 187 39.99 -56.09 18.09
CA VAL A 187 38.93 -56.25 19.08
C VAL A 187 39.42 -56.99 20.33
N ASP A 188 39.04 -56.47 21.50
CA ASP A 188 39.44 -57.09 22.77
C ASP A 188 38.26 -57.78 23.42
N LEU A 189 37.08 -57.19 23.29
CA LEU A 189 35.85 -57.75 23.84
C LEU A 189 34.80 -57.77 22.74
N LEU A 190 34.25 -58.95 22.48
CA LEU A 190 33.24 -59.07 21.43
C LEU A 190 31.89 -59.57 21.92
N PHE A 191 30.83 -58.85 21.57
CA PHE A 191 29.47 -59.21 21.94
C PHE A 191 28.79 -59.82 20.72
N LEU A 192 28.25 -61.02 20.89
CA LEU A 192 27.60 -61.71 19.80
C LEU A 192 26.38 -62.49 20.25
N SER A 193 25.32 -62.48 19.43
CA SER A 193 24.11 -63.22 19.77
C SER A 193 24.09 -64.53 19.00
N GLU A 194 23.32 -65.49 19.49
CA GLU A 194 23.23 -66.79 18.85
C GLU A 194 22.77 -66.72 17.39
N GLU A 195 21.69 -65.99 17.13
CA GLU A 195 21.18 -65.89 15.75
C GLU A 195 22.24 -65.35 14.82
N GLU A 196 22.90 -64.27 15.24
CA GLU A 196 23.94 -63.64 14.46
C GLU A 196 25.03 -64.63 14.03
N ALA A 197 25.62 -65.31 15.01
CA ALA A 197 26.67 -66.30 14.71
C ALA A 197 26.16 -67.32 13.72
N GLU A 198 24.92 -67.77 13.93
CA GLU A 198 24.31 -68.77 13.07
C GLU A 198 24.04 -68.22 11.67
N LEU A 199 23.61 -66.96 11.62
CA LEU A 199 23.30 -66.29 10.37
C LEU A 199 24.55 -65.88 9.60
N LEU A 200 25.72 -65.92 10.24
CA LEU A 200 26.96 -65.52 9.59
C LEU A 200 28.01 -66.61 9.48
N PHE A 201 27.97 -67.59 10.38
CA PHE A 201 28.96 -68.66 10.36
C PHE A 201 28.32 -70.06 10.39
N GLY A 202 27.06 -70.15 9.97
CA GLY A 202 26.39 -71.43 9.96
C GLY A 202 25.90 -71.90 11.31
N ARG A 203 26.82 -72.12 12.24
CA ARG A 203 26.44 -72.56 13.57
C ARG A 203 27.28 -71.86 14.62
N VAL A 204 26.67 -71.61 15.77
CA VAL A 204 27.33 -70.93 16.87
C VAL A 204 28.75 -71.43 17.14
N GLU A 205 29.01 -72.69 16.80
CA GLU A 205 30.32 -73.28 17.00
C GLU A 205 31.41 -72.61 16.17
N GLU A 206 31.29 -72.72 14.85
CA GLU A 206 32.25 -72.13 13.92
C GLU A 206 32.52 -70.67 14.26
N ALA A 207 31.45 -69.90 14.36
CA ALA A 207 31.56 -68.48 14.65
C ALA A 207 32.53 -68.22 15.80
N LEU A 208 32.38 -68.96 16.89
CA LEU A 208 33.25 -68.78 18.05
C LEU A 208 34.71 -69.07 17.73
N ARG A 209 34.95 -70.04 16.85
CA ARG A 209 36.31 -70.39 16.48
C ARG A 209 36.90 -69.36 15.55
N ALA A 210 36.11 -68.91 14.59
CA ALA A 210 36.56 -67.92 13.63
C ALA A 210 36.76 -66.56 14.30
N LEU A 211 35.76 -66.15 15.08
CA LEU A 211 35.80 -64.88 15.78
C LEU A 211 36.39 -65.06 17.18
N SER A 212 37.57 -65.65 17.26
CA SER A 212 38.19 -65.87 18.56
C SER A 212 38.92 -64.63 19.07
N ALA A 213 38.22 -63.84 19.87
CA ALA A 213 38.79 -62.62 20.45
C ALA A 213 39.11 -62.92 21.91
N PRO A 214 40.00 -62.12 22.53
CA PRO A 214 40.38 -62.30 23.94
C PRO A 214 39.21 -62.67 24.84
N GLU A 215 38.10 -61.96 24.69
CA GLU A 215 36.89 -62.21 25.46
C GLU A 215 35.65 -62.06 24.62
N VAL A 216 34.95 -63.17 24.41
CA VAL A 216 33.73 -63.17 23.62
C VAL A 216 32.54 -63.45 24.52
N VAL A 217 31.44 -62.75 24.28
CA VAL A 217 30.23 -62.93 25.08
C VAL A 217 29.05 -63.27 24.18
N LEU A 218 28.56 -64.50 24.30
CA LEU A 218 27.45 -64.94 23.46
C LEU A 218 26.10 -64.82 24.18
N LYS A 219 25.31 -63.86 23.73
CA LYS A 219 23.99 -63.63 24.30
C LYS A 219 23.03 -64.70 23.79
N ARG A 220 22.40 -65.41 24.72
CA ARG A 220 21.47 -66.49 24.39
C ARG A 220 20.02 -66.11 24.66
N GLY A 221 19.69 -64.84 24.48
CA GLY A 221 18.32 -64.41 24.74
C GLY A 221 18.02 -64.56 26.21
N ALA A 222 17.00 -65.34 26.54
CA ALA A 222 16.65 -65.55 27.94
C ALA A 222 17.49 -66.69 28.52
N LYS A 223 18.06 -67.52 27.64
CA LYS A 223 18.89 -68.63 28.09
C LYS A 223 20.19 -68.09 28.71
N GLY A 224 20.15 -66.82 29.11
CA GLY A 224 21.30 -66.19 29.73
C GLY A 224 22.32 -65.67 28.74
N ALA A 225 23.55 -66.18 28.84
CA ALA A 225 24.65 -65.79 27.98
C ALA A 225 25.95 -66.39 28.51
N TRP A 226 26.84 -66.82 27.60
CA TRP A 226 28.11 -67.42 28.00
C TRP A 226 29.27 -66.45 27.87
N ALA A 227 30.22 -66.54 28.78
CA ALA A 227 31.41 -65.69 28.76
C ALA A 227 32.64 -66.56 28.52
N PHE A 228 33.29 -66.36 27.39
CA PHE A 228 34.48 -67.11 27.01
C PHE A 228 35.69 -66.21 27.23
N VAL A 229 36.33 -66.36 28.39
CA VAL A 229 37.49 -65.55 28.74
C VAL A 229 38.81 -66.28 28.51
N ASP A 230 39.37 -66.82 29.59
CA ASP A 230 40.64 -67.53 29.50
C ASP A 230 40.42 -68.99 29.18
N GLY A 231 39.91 -69.25 27.99
CA GLY A 231 39.63 -70.61 27.57
C GLY A 231 38.48 -71.15 28.41
N ARG A 232 38.26 -70.47 29.53
CA ARG A 232 37.21 -70.81 30.46
C ARG A 232 35.89 -70.43 29.80
N ARG A 233 34.82 -71.14 30.14
CA ARG A 233 33.50 -70.85 29.59
C ARG A 233 32.52 -70.63 30.73
N VAL A 234 32.43 -69.39 31.20
CA VAL A 234 31.52 -69.06 32.29
C VAL A 234 30.12 -68.89 31.73
N GLU A 235 29.14 -69.34 32.50
CA GLU A 235 27.74 -69.29 32.11
C GLU A 235 26.97 -68.32 32.99
N GLY A 236 26.01 -67.61 32.40
CA GLY A 236 25.19 -66.67 33.16
C GLY A 236 23.72 -66.83 32.81
N SER A 237 22.84 -66.75 33.80
CA SER A 237 21.41 -66.92 33.56
C SER A 237 20.63 -65.61 33.59
N ALA A 238 19.72 -65.45 32.63
CA ALA A 238 18.89 -64.25 32.53
C ALA A 238 17.84 -64.18 33.65
N PHE A 239 17.38 -62.98 33.94
CA PHE A 239 16.38 -62.76 34.99
C PHE A 239 14.96 -62.98 34.47
N ALA A 240 14.21 -63.82 35.17
CA ALA A 240 12.83 -64.11 34.78
C ALA A 240 11.97 -62.85 34.74
N VAL A 241 11.60 -62.42 33.55
CA VAL A 241 10.76 -61.24 33.39
C VAL A 241 9.89 -61.34 32.15
N GLU A 242 8.85 -60.50 32.09
CA GLU A 242 7.94 -60.50 30.97
C GLU A 242 8.35 -59.46 29.93
N ALA A 243 8.97 -59.94 28.85
CA ALA A 243 9.44 -59.08 27.78
C ALA A 243 8.35 -58.16 27.25
N VAL A 244 8.53 -56.87 27.50
CA VAL A 244 7.57 -55.86 27.06
C VAL A 244 7.99 -55.37 25.67
N ASP A 245 9.12 -54.66 25.63
CA ASP A 245 9.66 -54.13 24.39
C ASP A 245 11.14 -54.46 24.38
N PRO A 246 11.48 -55.67 23.90
CA PRO A 246 12.82 -56.22 23.80
C PRO A 246 13.88 -55.36 23.08
N VAL A 247 13.44 -54.27 22.46
CA VAL A 247 14.35 -53.37 21.77
C VAL A 247 15.32 -52.66 22.71
N GLY A 248 16.61 -52.68 22.36
CA GLY A 248 17.61 -52.01 23.16
C GLY A 248 18.19 -52.82 24.30
N ALA A 249 17.66 -54.02 24.49
CA ALA A 249 18.12 -54.91 25.56
C ALA A 249 19.57 -55.39 25.37
N GLY A 250 19.92 -55.69 24.13
CA GLY A 250 21.28 -56.15 23.84
C GLY A 250 22.32 -55.08 24.13
N ASP A 251 21.96 -53.83 23.85
CA ASP A 251 22.83 -52.68 24.09
C ASP A 251 22.98 -52.48 25.59
N ALA A 252 21.89 -52.69 26.30
CA ALA A 252 21.85 -52.55 27.75
C ALA A 252 22.71 -53.65 28.37
N PHE A 253 22.67 -54.83 27.75
CA PHE A 253 23.44 -55.97 28.23
C PHE A 253 24.92 -55.63 28.14
N ALA A 254 25.33 -55.12 26.98
CA ALA A 254 26.73 -54.75 26.75
C ALA A 254 27.19 -53.74 27.79
N ALA A 255 26.36 -52.74 28.05
CA ALA A 255 26.67 -51.68 29.01
C ALA A 255 26.88 -52.24 30.42
N GLY A 256 26.10 -53.27 30.78
CA GLY A 256 26.23 -53.87 32.09
C GLY A 256 27.54 -54.62 32.21
N TYR A 257 27.95 -55.26 31.13
CA TYR A 257 29.20 -56.00 31.08
C TYR A 257 30.37 -55.04 31.22
N LEU A 258 30.36 -54.02 30.36
CA LEU A 258 31.42 -53.01 30.36
C LEU A 258 31.60 -52.39 31.74
N ALA A 259 30.50 -51.98 32.36
CA ALA A 259 30.58 -51.39 33.68
C ALA A 259 31.28 -52.37 34.61
N GLY A 260 30.91 -53.63 34.52
CA GLY A 260 31.52 -54.65 35.36
C GLY A 260 33.01 -54.76 35.10
N ALA A 261 33.37 -54.68 33.82
CA ALA A 261 34.78 -54.74 33.42
C ALA A 261 35.50 -53.51 33.93
N VAL A 262 34.92 -52.34 33.65
CA VAL A 262 35.48 -51.08 34.08
C VAL A 262 35.75 -51.11 35.58
N TRP A 263 34.86 -51.79 36.30
CA TRP A 263 34.98 -51.89 37.74
C TRP A 263 35.84 -53.08 38.14
N GLY A 264 36.45 -53.73 37.15
CA GLY A 264 37.29 -54.89 37.41
C GLY A 264 36.57 -55.97 38.21
N LEU A 265 35.37 -56.33 37.78
CA LEU A 265 34.58 -57.34 38.47
C LEU A 265 34.79 -58.71 37.86
N PRO A 266 34.63 -59.77 38.69
CA PRO A 266 34.79 -61.13 38.21
C PRO A 266 33.82 -61.38 37.06
N VAL A 267 34.12 -62.38 36.24
CA VAL A 267 33.27 -62.71 35.10
C VAL A 267 31.86 -63.03 35.55
N GLU A 268 31.76 -63.58 36.75
CA GLU A 268 30.48 -63.95 37.35
C GLU A 268 29.63 -62.70 37.53
N GLU A 269 30.25 -61.67 38.11
CA GLU A 269 29.57 -60.41 38.38
C GLU A 269 29.37 -59.57 37.14
N ARG A 270 30.23 -59.76 36.14
CA ARG A 270 30.10 -59.01 34.89
C ARG A 270 28.87 -59.51 34.16
N LEU A 271 28.70 -60.82 34.14
CA LEU A 271 27.55 -61.40 33.47
C LEU A 271 26.28 -61.10 34.24
N ARG A 272 26.36 -61.18 35.56
CA ARG A 272 25.22 -60.89 36.42
C ARG A 272 24.73 -59.47 36.12
N LEU A 273 25.66 -58.53 36.12
CA LEU A 273 25.34 -57.12 35.86
C LEU A 273 24.73 -56.93 34.48
N ALA A 274 25.36 -57.54 33.47
CA ALA A 274 24.90 -57.46 32.10
C ALA A 274 23.46 -57.97 31.93
N ASN A 275 23.19 -59.18 32.43
CA ASN A 275 21.85 -59.76 32.33
C ASN A 275 20.83 -58.92 33.07
N LEU A 276 21.28 -58.22 34.11
CA LEU A 276 20.39 -57.38 34.90
C LEU A 276 19.90 -56.19 34.08
N LEU A 277 20.81 -55.52 33.38
CA LEU A 277 20.48 -54.38 32.55
C LEU A 277 19.63 -54.81 31.36
N GLY A 278 20.00 -55.93 30.76
CA GLY A 278 19.25 -56.44 29.61
C GLY A 278 17.81 -56.73 29.95
N ALA A 279 17.59 -57.29 31.15
CA ALA A 279 16.26 -57.62 31.62
C ALA A 279 15.42 -56.38 31.87
N SER A 280 16.02 -55.41 32.56
CA SER A 280 15.36 -54.16 32.89
C SER A 280 14.84 -53.42 31.66
N VAL A 281 15.69 -53.29 30.64
CA VAL A 281 15.31 -52.59 29.43
C VAL A 281 14.29 -53.42 28.64
N ALA A 282 14.44 -54.73 28.70
CA ALA A 282 13.53 -55.64 28.01
C ALA A 282 12.14 -55.51 28.58
N ALA A 283 12.07 -55.38 29.91
CA ALA A 283 10.81 -55.24 30.61
C ALA A 283 10.23 -53.82 30.60
N SER A 284 10.72 -52.96 29.71
CA SER A 284 10.24 -51.58 29.63
C SER A 284 10.19 -51.11 28.19
N ARG A 285 9.32 -50.14 27.91
CA ARG A 285 9.20 -49.60 26.57
C ARG A 285 10.30 -48.58 26.27
N GLY A 286 10.48 -48.28 24.98
CA GLY A 286 11.51 -47.33 24.58
C GLY A 286 12.78 -48.08 24.27
N ASP A 287 13.81 -47.36 23.80
CA ASP A 287 15.06 -48.01 23.46
C ASP A 287 15.99 -48.26 24.67
N HIS A 288 15.98 -47.37 25.65
CA HIS A 288 16.84 -47.54 26.82
C HIS A 288 16.19 -46.96 28.08
N GLU A 289 14.87 -46.80 28.04
CA GLU A 289 14.16 -46.24 29.18
C GLU A 289 14.23 -47.06 30.46
N GLY A 290 14.39 -48.36 30.34
CA GLY A 290 14.45 -49.21 31.51
C GLY A 290 15.79 -49.31 32.22
N ALA A 291 16.84 -48.79 31.61
CA ALA A 291 18.18 -48.84 32.21
C ALA A 291 18.16 -48.33 33.66
N PRO A 292 18.70 -49.14 34.58
CA PRO A 292 18.75 -48.79 36.00
C PRO A 292 19.86 -47.82 36.36
N TYR A 293 19.77 -47.25 37.56
CA TYR A 293 20.78 -46.32 38.06
C TYR A 293 21.68 -47.01 39.06
N ARG A 294 22.79 -46.37 39.40
CA ARG A 294 23.72 -46.95 40.35
C ARG A 294 23.00 -47.25 41.65
N GLU A 295 22.24 -46.27 42.13
CA GLU A 295 21.48 -46.41 43.37
C GLU A 295 20.57 -47.64 43.42
N ASP A 296 20.17 -48.14 42.27
CA ASP A 296 19.30 -49.32 42.19
C ASP A 296 20.12 -50.57 42.52
N LEU A 297 21.33 -50.64 41.97
CA LEU A 297 22.22 -51.78 42.21
C LEU A 297 22.58 -51.79 43.69
N GLU A 298 22.99 -50.63 44.19
CA GLU A 298 23.38 -50.48 45.58
C GLU A 298 22.32 -51.09 46.49
N VAL A 299 21.05 -50.81 46.19
CA VAL A 299 19.96 -51.30 47.01
C VAL A 299 19.66 -52.78 46.77
N LEU A 300 19.84 -53.24 45.54
CA LEU A 300 19.53 -54.62 45.24
C LEU A 300 20.44 -55.77 45.59
N LEU A 301 19.77 -56.82 45.66
N MET B 1 -19.06 -42.32 -13.44
CA MET B 1 -18.25 -41.29 -14.16
C MET B 1 -17.74 -40.23 -13.18
N LEU B 2 -16.42 -40.14 -13.07
CA LEU B 2 -15.83 -39.18 -12.16
C LEU B 2 -16.04 -37.73 -12.59
N GLU B 3 -16.05 -36.85 -11.59
CA GLU B 3 -16.23 -35.41 -11.80
C GLU B 3 -14.87 -34.73 -11.69
N VAL B 4 -14.13 -35.09 -10.65
CA VAL B 4 -12.81 -34.50 -10.41
C VAL B 4 -11.74 -35.56 -10.20
N VAL B 5 -10.54 -35.27 -10.70
CA VAL B 5 -9.39 -36.16 -10.57
C VAL B 5 -8.18 -35.35 -10.12
N THR B 6 -7.55 -35.80 -9.04
CA THR B 6 -6.38 -35.11 -8.51
C THR B 6 -5.22 -36.10 -8.44
N ALA B 7 -4.01 -35.58 -8.32
CA ALA B 7 -2.83 -36.44 -8.25
C ALA B 7 -1.66 -35.77 -7.54
N GLY B 8 -0.82 -36.57 -6.90
CA GLY B 8 0.32 -36.03 -6.21
C GLY B 8 0.91 -37.05 -5.26
N GLU B 9 1.73 -36.57 -4.33
CA GLU B 9 2.36 -37.45 -3.36
C GLU B 9 1.65 -37.40 -2.02
N PRO B 10 1.21 -38.57 -1.53
CA PRO B 10 0.53 -38.64 -0.24
C PRO B 10 1.59 -38.56 0.85
N LEU B 11 1.22 -38.06 2.02
CA LEU B 11 2.16 -37.95 3.13
C LEU B 11 1.49 -38.27 4.45
N VAL B 12 2.30 -38.68 5.43
CA VAL B 12 1.78 -38.98 6.76
C VAL B 12 2.26 -37.85 7.65
N ALA B 13 1.33 -37.22 8.35
CA ALA B 13 1.66 -36.12 9.24
C ALA B 13 1.77 -36.54 10.69
N LEU B 14 2.88 -36.19 11.31
CA LEU B 14 3.11 -36.50 12.72
C LEU B 14 3.02 -35.15 13.45
N VAL B 15 2.00 -35.01 14.29
CA VAL B 15 1.78 -33.76 15.00
C VAL B 15 1.62 -33.93 16.51
N PRO B 16 2.23 -33.03 17.29
CA PRO B 16 2.12 -33.11 18.75
C PRO B 16 0.69 -32.81 19.20
N GLN B 17 0.35 -33.24 20.41
CA GLN B 17 -0.99 -33.02 20.93
C GLN B 17 -1.29 -31.57 21.27
N GLU B 18 -0.24 -30.80 21.55
CA GLU B 18 -0.41 -29.39 21.90
C GLU B 18 0.75 -28.56 21.35
N PRO B 19 0.70 -27.24 21.52
CA PRO B 19 1.78 -26.37 21.04
C PRO B 19 3.09 -26.71 21.74
N GLY B 20 4.19 -26.15 21.24
CA GLY B 20 5.48 -26.42 21.87
C GLY B 20 6.50 -27.04 20.94
N HIS B 21 7.77 -26.81 21.23
CA HIS B 21 8.85 -27.35 20.42
C HIS B 21 8.80 -28.86 20.40
N LEU B 22 9.04 -29.42 19.23
CA LEU B 22 9.01 -30.85 19.01
C LEU B 22 9.89 -31.63 19.99
N ARG B 23 11.11 -31.15 20.18
CA ARG B 23 12.10 -31.75 21.07
C ARG B 23 11.56 -32.15 22.45
N GLY B 24 10.50 -31.48 22.89
CA GLY B 24 9.95 -31.76 24.20
C GLY B 24 8.73 -32.66 24.23
N LYS B 25 8.26 -33.09 23.06
CA LYS B 25 7.10 -33.95 22.98
C LYS B 25 7.45 -35.44 23.17
N ARG B 26 6.54 -36.18 23.79
CA ARG B 26 6.75 -37.61 24.03
C ARG B 26 5.73 -38.47 23.29
N LEU B 27 4.73 -37.81 22.71
CA LEU B 27 3.67 -38.48 21.98
C LEU B 27 3.30 -37.68 20.74
N LEU B 28 3.03 -38.37 19.63
CA LEU B 28 2.65 -37.69 18.39
C LEU B 28 1.41 -38.28 17.75
N GLU B 29 0.58 -37.41 17.19
CA GLU B 29 -0.65 -37.82 16.51
C GLU B 29 -0.29 -38.15 15.07
N VAL B 30 -0.88 -39.23 14.56
CA VAL B 30 -0.62 -39.65 13.20
C VAL B 30 -1.77 -39.26 12.28
N TYR B 31 -1.47 -38.54 11.21
CA TYR B 31 -2.49 -38.12 10.27
C TYR B 31 -2.08 -38.38 8.82
N VAL B 32 -3.07 -38.53 7.96
CA VAL B 32 -2.81 -38.75 6.54
C VAL B 32 -2.93 -37.41 5.84
N GLY B 33 -1.82 -36.95 5.28
CA GLY B 33 -1.80 -35.67 4.60
C GLY B 33 -1.48 -35.73 3.13
N GLY B 34 -1.04 -34.61 2.58
CA GLY B 34 -0.73 -34.53 1.16
C GLY B 34 -1.77 -33.61 0.54
N ALA B 35 -1.32 -32.45 0.07
CA ALA B 35 -2.20 -31.45 -0.54
C ALA B 35 -3.37 -32.03 -1.32
N GLU B 36 -3.04 -32.67 -2.44
CA GLU B 36 -4.03 -33.28 -3.33
C GLU B 36 -4.88 -34.34 -2.62
N VAL B 37 -4.30 -34.98 -1.60
CA VAL B 37 -5.00 -36.01 -0.82
C VAL B 37 -6.10 -35.32 0.00
N ASN B 38 -5.75 -34.17 0.58
CA ASN B 38 -6.69 -33.40 1.38
C ASN B 38 -7.86 -33.00 0.52
N VAL B 39 -7.57 -32.52 -0.69
CA VAL B 39 -8.59 -32.10 -1.63
C VAL B 39 -9.47 -33.27 -2.03
N ALA B 40 -8.82 -34.41 -2.29
CA ALA B 40 -9.53 -35.62 -2.69
C ALA B 40 -10.59 -36.01 -1.67
N VAL B 41 -10.16 -36.16 -0.42
CA VAL B 41 -11.10 -36.54 0.64
C VAL B 41 -12.18 -35.49 0.87
N ALA B 42 -11.80 -34.22 0.91
CA ALA B 42 -12.77 -33.13 1.13
C ALA B 42 -13.90 -33.20 0.13
N LEU B 43 -13.55 -33.47 -1.14
CA LEU B 43 -14.50 -33.58 -2.24
C LEU B 43 -15.40 -34.78 -2.07
N ALA B 44 -14.78 -35.91 -1.75
CA ALA B 44 -15.51 -37.16 -1.55
C ALA B 44 -16.53 -36.99 -0.43
N ARG B 45 -16.12 -36.38 0.67
CA ARG B 45 -17.01 -36.17 1.80
C ARG B 45 -18.21 -35.33 1.40
N LEU B 46 -18.07 -34.51 0.37
CA LEU B 46 -19.18 -33.67 -0.08
C LEU B 46 -20.01 -34.34 -1.15
N GLY B 47 -19.68 -35.59 -1.46
CA GLY B 47 -20.43 -36.32 -2.46
C GLY B 47 -19.91 -36.16 -3.88
N VAL B 48 -18.81 -35.45 -4.05
CA VAL B 48 -18.26 -35.27 -5.39
C VAL B 48 -17.50 -36.52 -5.80
N LYS B 49 -17.77 -37.01 -7.00
CA LYS B 49 -17.10 -38.20 -7.51
C LYS B 49 -15.67 -37.79 -7.86
N VAL B 50 -14.72 -38.30 -7.08
CA VAL B 50 -13.32 -37.95 -7.28
C VAL B 50 -12.39 -39.15 -7.23
N GLY B 51 -11.34 -39.08 -8.03
CA GLY B 51 -10.36 -40.14 -8.06
C GLY B 51 -9.02 -39.55 -7.67
N PHE B 52 -8.14 -40.37 -7.11
CA PHE B 52 -6.82 -39.91 -6.70
C PHE B 52 -5.72 -40.73 -7.39
N VAL B 53 -4.79 -40.04 -8.05
CA VAL B 53 -3.69 -40.72 -8.73
C VAL B 53 -2.41 -40.53 -7.95
N GLY B 54 -1.75 -41.63 -7.62
CA GLY B 54 -0.50 -41.54 -6.88
C GLY B 54 0.00 -42.89 -6.39
N ARG B 55 1.19 -42.88 -5.81
CA ARG B 55 1.82 -44.09 -5.29
C ARG B 55 2.25 -43.89 -3.84
N VAL B 56 2.38 -45.00 -3.12
CA VAL B 56 2.82 -44.98 -1.74
C VAL B 56 3.76 -46.16 -1.61
N GLY B 57 4.51 -46.22 -0.52
CA GLY B 57 5.44 -47.33 -0.35
C GLY B 57 4.70 -48.59 0.04
N GLU B 58 5.39 -49.72 -0.01
CA GLU B 58 4.79 -51.00 0.37
C GLU B 58 5.02 -51.22 1.86
N ASP B 59 4.75 -50.17 2.65
CA ASP B 59 4.91 -50.22 4.08
C ASP B 59 3.59 -50.00 4.80
N GLU B 60 3.64 -49.92 6.13
CA GLU B 60 2.46 -49.72 6.94
C GLU B 60 1.82 -48.35 6.76
N LEU B 61 2.65 -47.33 6.56
CA LEU B 61 2.16 -45.97 6.37
C LEU B 61 1.45 -45.87 5.01
N GLY B 62 2.02 -46.53 4.01
CA GLY B 62 1.42 -46.51 2.69
C GLY B 62 0.06 -47.16 2.76
N ALA B 63 -0.02 -48.24 3.53
CA ALA B 63 -1.26 -48.98 3.72
C ALA B 63 -2.29 -48.08 4.40
N MET B 64 -1.83 -47.41 5.44
CA MET B 64 -2.65 -46.48 6.21
C MET B 64 -3.32 -45.47 5.27
N VAL B 65 -2.51 -44.92 4.37
CA VAL B 65 -3.00 -43.93 3.40
C VAL B 65 -4.09 -44.55 2.54
N GLU B 66 -3.82 -45.74 2.04
CA GLU B 66 -4.75 -46.44 1.18
C GLU B 66 -6.11 -46.68 1.84
N GLU B 67 -6.10 -47.06 3.11
CA GLU B 67 -7.34 -47.29 3.85
C GLU B 67 -8.18 -46.01 3.91
N ARG B 68 -7.55 -44.93 4.34
CA ARG B 68 -8.23 -43.64 4.45
C ARG B 68 -8.89 -43.25 3.13
N LEU B 69 -8.11 -43.29 2.05
CA LEU B 69 -8.62 -42.93 0.73
C LEU B 69 -9.79 -43.80 0.31
N ARG B 70 -9.67 -45.10 0.62
CA ARG B 70 -10.69 -46.08 0.30
C ARG B 70 -11.92 -45.90 1.20
N ALA B 71 -11.65 -45.71 2.49
CA ALA B 71 -12.70 -45.53 3.47
C ALA B 71 -13.51 -44.30 3.12
N GLU B 72 -12.81 -43.25 2.69
CA GLU B 72 -13.44 -41.99 2.33
C GLU B 72 -14.19 -42.03 1.00
N GLY B 73 -14.06 -43.14 0.28
CA GLY B 73 -14.75 -43.28 -0.99
C GLY B 73 -14.09 -42.60 -2.18
N VAL B 74 -12.76 -42.51 -2.17
CA VAL B 74 -12.04 -41.90 -3.28
C VAL B 74 -11.75 -43.00 -4.29
N ASP B 75 -11.77 -42.66 -5.58
CA ASP B 75 -11.49 -43.65 -6.62
C ASP B 75 -9.98 -43.85 -6.71
N LEU B 76 -9.53 -45.07 -6.44
CA LEU B 76 -8.12 -45.39 -6.47
C LEU B 76 -7.78 -46.29 -7.64
N THR B 77 -8.51 -46.09 -8.74
CA THR B 77 -8.29 -46.88 -9.95
C THR B 77 -6.84 -46.81 -10.39
N HIS B 78 -6.22 -45.65 -10.22
CA HIS B 78 -4.82 -45.50 -10.60
C HIS B 78 -3.92 -45.14 -9.43
N PHE B 79 -4.32 -45.60 -8.24
CA PHE B 79 -3.55 -45.41 -7.02
C PHE B 79 -3.10 -46.80 -6.60
N ARG B 80 -1.90 -46.89 -6.05
CA ARG B 80 -1.40 -48.19 -5.65
C ARG B 80 -0.14 -48.13 -4.78
N ARG B 81 0.05 -49.19 -3.99
CA ARG B 81 1.22 -49.31 -3.14
C ARG B 81 2.31 -49.95 -3.99
N ALA B 82 3.39 -49.21 -4.21
CA ALA B 82 4.50 -49.71 -5.01
C ALA B 82 5.75 -49.83 -4.17
N PRO B 83 6.79 -50.51 -4.71
CA PRO B 83 8.05 -50.68 -3.97
C PRO B 83 8.55 -49.32 -3.49
N GLY B 84 9.19 -49.30 -2.33
CA GLY B 84 9.70 -48.06 -1.79
C GLY B 84 9.02 -47.72 -0.47
N PHE B 85 9.21 -46.50 0.01
CA PHE B 85 8.59 -46.10 1.26
C PHE B 85 7.65 -44.93 1.10
N THR B 86 6.78 -44.75 2.10
CA THR B 86 5.83 -43.65 2.08
C THR B 86 6.41 -42.49 2.88
N GLY B 87 6.40 -41.31 2.26
CA GLY B 87 6.96 -40.14 2.91
C GLY B 87 6.16 -39.66 4.10
N LEU B 88 6.83 -39.00 5.03
CA LEU B 88 6.19 -38.47 6.22
C LEU B 88 6.86 -37.17 6.61
N TYR B 89 6.26 -36.44 7.55
CA TYR B 89 6.83 -35.20 8.03
C TYR B 89 6.36 -34.93 9.44
N LEU B 90 7.10 -34.06 10.14
CA LEU B 90 6.74 -33.71 11.51
C LEU B 90 6.50 -32.21 11.67
N ARG B 91 5.30 -31.87 12.12
CA ARG B 91 4.89 -30.50 12.33
C ARG B 91 5.20 -30.08 13.77
N GLU B 92 5.28 -28.77 13.99
CA GLU B 92 5.57 -28.24 15.31
C GLU B 92 4.96 -26.85 15.42
N TYR B 93 4.01 -26.68 16.34
CA TYR B 93 3.34 -25.39 16.54
C TYR B 93 3.79 -24.74 17.83
N LEU B 94 4.40 -23.57 17.72
CA LEU B 94 4.90 -22.84 18.89
C LEU B 94 3.83 -21.99 19.59
N PRO B 95 3.94 -21.86 20.92
CA PRO B 95 3.04 -21.09 21.78
C PRO B 95 2.52 -19.81 21.16
N LEU B 96 3.41 -19.06 20.51
CA LEU B 96 2.96 -17.82 19.90
C LEU B 96 2.69 -17.87 18.40
N GLY B 97 2.36 -19.06 17.91
CA GLY B 97 2.01 -19.20 16.51
C GLY B 97 3.02 -19.69 15.49
N GLN B 98 4.27 -19.26 15.62
CA GLN B 98 5.31 -19.66 14.67
C GLN B 98 5.55 -21.18 14.64
N GLY B 99 5.30 -21.80 13.49
CA GLY B 99 5.50 -23.23 13.36
C GLY B 99 6.76 -23.59 12.60
N ARG B 100 6.98 -24.89 12.39
CA ARG B 100 8.14 -25.38 11.65
C ARG B 100 7.91 -26.84 11.28
N VAL B 101 8.18 -27.18 10.02
CA VAL B 101 7.98 -28.55 9.57
C VAL B 101 9.27 -29.27 9.13
N PHE B 102 9.37 -30.55 9.47
CA PHE B 102 10.53 -31.37 9.12
C PHE B 102 10.09 -32.54 8.24
N TYR B 103 10.66 -32.60 7.03
CA TYR B 103 10.29 -33.64 6.09
C TYR B 103 11.22 -34.85 6.01
N TYR B 104 10.63 -35.97 5.63
CA TYR B 104 11.31 -37.25 5.48
C TYR B 104 10.58 -37.90 4.31
N ARG B 105 10.75 -37.31 3.13
CA ARG B 105 10.09 -37.82 1.95
C ARG B 105 10.95 -37.93 0.69
N LYS B 106 12.17 -37.40 0.76
CA LYS B 106 13.04 -37.46 -0.41
C LYS B 106 13.29 -38.91 -0.84
N GLY B 107 13.02 -39.17 -2.12
CA GLY B 107 13.20 -40.51 -2.67
C GLY B 107 12.08 -41.47 -2.34
N SER B 108 10.93 -40.93 -1.94
CA SER B 108 9.78 -41.76 -1.59
C SER B 108 9.11 -42.33 -2.83
N ALA B 109 8.29 -43.36 -2.64
CA ALA B 109 7.59 -44.02 -3.73
C ALA B 109 6.64 -43.03 -4.42
N GLY B 110 6.11 -42.10 -3.62
CA GLY B 110 5.18 -41.12 -4.16
C GLY B 110 5.81 -40.02 -5.00
N SER B 111 7.08 -39.73 -4.75
CA SER B 111 7.76 -38.67 -5.50
C SER B 111 8.24 -39.14 -6.88
N ALA B 112 7.88 -40.36 -7.24
CA ALA B 112 8.29 -40.92 -8.52
C ALA B 112 7.50 -40.40 -9.71
N LEU B 113 6.18 -40.27 -9.54
CA LEU B 113 5.29 -39.79 -10.59
C LEU B 113 5.97 -39.16 -11.80
N ALA B 114 5.76 -39.80 -12.95
CA ALA B 114 6.32 -39.34 -14.20
C ALA B 114 5.25 -39.44 -15.29
N PRO B 115 5.50 -38.86 -16.47
CA PRO B 115 4.54 -38.90 -17.59
C PRO B 115 4.03 -40.31 -17.92
N GLY B 116 2.72 -40.49 -17.84
CA GLY B 116 2.11 -41.78 -18.14
C GLY B 116 1.84 -42.58 -16.89
N ALA B 117 1.93 -41.93 -15.73
CA ALA B 117 1.69 -42.59 -14.45
C ALA B 117 0.31 -43.24 -14.37
N PHE B 118 -0.59 -42.82 -15.27
CA PHE B 118 -1.94 -43.37 -15.29
C PHE B 118 -2.53 -43.31 -16.70
N ASP B 119 -3.61 -44.05 -16.92
CA ASP B 119 -4.25 -44.10 -18.23
C ASP B 119 -5.06 -42.83 -18.49
N PRO B 120 -4.67 -42.06 -19.51
CA PRO B 120 -5.34 -40.81 -19.91
C PRO B 120 -6.86 -40.94 -20.08
N ASP B 121 -7.31 -42.09 -20.58
CA ASP B 121 -8.73 -42.31 -20.79
C ASP B 121 -9.49 -42.22 -19.47
N TYR B 122 -8.74 -42.03 -18.39
CA TYR B 122 -9.29 -41.90 -17.05
C TYR B 122 -9.95 -40.54 -16.96
N LEU B 123 -9.32 -39.55 -17.60
CA LEU B 123 -9.80 -38.18 -17.60
C LEU B 123 -10.94 -37.93 -18.57
N GLU B 124 -11.50 -39.00 -19.13
CA GLU B 124 -12.61 -38.83 -20.06
C GLU B 124 -13.91 -38.48 -19.35
N GLY B 125 -14.48 -37.35 -19.74
CA GLY B 125 -15.73 -36.88 -19.15
C GLY B 125 -15.57 -36.20 -17.80
N VAL B 126 -14.33 -36.09 -17.36
CA VAL B 126 -14.03 -35.47 -16.07
C VAL B 126 -14.16 -33.94 -16.12
N ARG B 127 -14.80 -33.40 -15.10
CA ARG B 127 -15.02 -31.96 -14.97
C ARG B 127 -13.70 -31.19 -14.81
N PHE B 128 -12.97 -31.47 -13.73
CA PHE B 128 -11.70 -30.80 -13.47
C PHE B 128 -10.58 -31.77 -13.12
N LEU B 129 -9.36 -31.29 -13.27
CA LEU B 129 -8.16 -32.03 -12.92
C LEU B 129 -7.42 -31.08 -11.99
N HIS B 130 -7.19 -31.52 -10.76
CA HIS B 130 -6.53 -30.68 -9.80
C HIS B 130 -5.10 -31.10 -9.45
N LEU B 131 -4.20 -30.12 -9.47
CA LEU B 131 -2.79 -30.35 -9.16
C LEU B 131 -2.25 -29.19 -8.32
N SER B 132 -1.23 -29.47 -7.53
CA SER B 132 -0.62 -28.48 -6.66
C SER B 132 0.80 -28.18 -7.11
N GLY B 133 1.27 -26.97 -6.84
CA GLY B 133 2.62 -26.60 -7.24
C GLY B 133 3.69 -27.39 -6.50
N ILE B 134 3.24 -28.22 -5.56
CA ILE B 134 4.15 -29.05 -4.78
C ILE B 134 4.65 -30.21 -5.64
N THR B 135 3.73 -30.80 -6.40
CA THR B 135 4.05 -31.94 -7.26
C THR B 135 5.25 -31.70 -8.18
N PRO B 136 5.12 -30.74 -9.13
CA PRO B 136 6.24 -30.47 -10.04
C PRO B 136 7.56 -30.11 -9.37
N ALA B 137 7.47 -29.53 -8.17
CA ALA B 137 8.66 -29.11 -7.43
C ALA B 137 9.44 -30.27 -6.82
N LEU B 138 8.83 -31.46 -6.78
CA LEU B 138 9.47 -32.63 -6.21
C LEU B 138 10.63 -33.17 -7.02
N SER B 139 10.39 -33.38 -8.32
CA SER B 139 11.44 -33.92 -9.16
C SER B 139 11.21 -33.55 -10.62
N PRO B 140 12.22 -33.79 -11.47
CA PRO B 140 12.15 -33.48 -12.91
C PRO B 140 11.06 -34.31 -13.55
N GLU B 141 10.87 -35.51 -13.02
CA GLU B 141 9.86 -36.44 -13.52
C GLU B 141 8.47 -35.93 -13.14
N ALA B 142 8.33 -35.51 -11.89
CA ALA B 142 7.06 -34.98 -11.39
C ALA B 142 6.65 -33.73 -12.17
N ARG B 143 7.60 -32.84 -12.40
CA ARG B 143 7.35 -31.60 -13.15
C ARG B 143 6.88 -31.94 -14.54
N ALA B 144 7.52 -32.94 -15.14
CA ALA B 144 7.20 -33.39 -16.49
C ALA B 144 5.80 -33.99 -16.49
N PHE B 145 5.55 -34.84 -15.50
CA PHE B 145 4.25 -35.48 -15.32
C PHE B 145 3.14 -34.42 -15.27
N SER B 146 3.31 -33.46 -14.36
CA SER B 146 2.35 -32.38 -14.17
C SER B 146 1.98 -31.72 -15.51
N LEU B 147 3.01 -31.30 -16.24
CA LEU B 147 2.81 -30.67 -17.54
C LEU B 147 2.06 -31.64 -18.44
N TRP B 148 2.52 -32.90 -18.46
CA TRP B 148 1.90 -33.94 -19.27
C TRP B 148 0.43 -34.14 -18.89
N ALA B 149 0.17 -34.22 -17.59
CA ALA B 149 -1.17 -34.43 -17.09
C ALA B 149 -2.17 -33.37 -17.57
N MET B 150 -1.86 -32.10 -17.33
CA MET B 150 -2.76 -31.01 -17.74
C MET B 150 -2.90 -30.87 -19.25
N GLU B 151 -2.00 -31.53 -19.98
CA GLU B 151 -2.03 -31.50 -21.44
C GLU B 151 -3.04 -32.52 -21.96
N GLU B 152 -3.07 -33.67 -21.31
CA GLU B 152 -3.99 -34.73 -21.73
C GLU B 152 -5.40 -34.37 -21.27
N ALA B 153 -5.50 -33.52 -20.26
CA ALA B 153 -6.78 -33.08 -19.73
C ALA B 153 -7.40 -32.10 -20.70
N LYS B 154 -6.61 -31.09 -21.09
CA LYS B 154 -7.05 -30.08 -22.02
C LYS B 154 -7.50 -30.73 -23.32
N ARG B 155 -6.76 -31.75 -23.74
CA ARG B 155 -7.04 -32.50 -24.95
C ARG B 155 -8.35 -33.26 -24.85
N ARG B 156 -8.80 -33.47 -23.62
CA ARG B 156 -10.04 -34.21 -23.40
C ARG B 156 -11.14 -33.28 -22.90
N GLY B 157 -10.89 -31.98 -23.05
CA GLY B 157 -11.85 -30.97 -22.63
C GLY B 157 -12.01 -30.94 -21.12
N VAL B 158 -10.93 -31.21 -20.41
CA VAL B 158 -10.96 -31.22 -18.95
C VAL B 158 -10.29 -29.95 -18.44
N ARG B 159 -11.06 -29.12 -17.72
CA ARG B 159 -10.55 -27.88 -17.14
C ARG B 159 -9.40 -28.20 -16.18
N VAL B 160 -8.37 -27.38 -16.18
CA VAL B 160 -7.24 -27.60 -15.28
C VAL B 160 -7.28 -26.64 -14.10
N SER B 161 -7.28 -27.20 -12.90
CA SER B 161 -7.31 -26.41 -11.67
C SER B 161 -5.93 -26.52 -11.03
N LEU B 162 -5.35 -25.38 -10.66
CA LEU B 162 -4.03 -25.39 -10.06
C LEU B 162 -3.91 -24.51 -8.82
N ASP B 163 -3.32 -25.07 -7.77
CA ASP B 163 -3.10 -24.36 -6.53
C ASP B 163 -1.60 -24.17 -6.43
N VAL B 164 -1.15 -22.95 -6.73
CA VAL B 164 0.27 -22.60 -6.70
C VAL B 164 0.99 -23.35 -5.59
N ASN B 165 0.53 -23.16 -4.35
CA ASN B 165 1.12 -23.84 -3.20
C ASN B 165 2.65 -23.82 -3.29
N TYR B 166 3.24 -22.64 -3.31
CA TYR B 166 4.70 -22.52 -3.40
C TYR B 166 5.42 -22.96 -2.13
N ARG B 167 6.39 -23.85 -2.29
CA ARG B 167 7.17 -24.36 -1.16
C ARG B 167 8.61 -23.89 -1.32
N GLN B 168 9.08 -23.06 -0.39
CA GLN B 168 10.46 -22.58 -0.47
C GLN B 168 11.43 -23.74 -0.30
N THR B 169 10.96 -24.79 0.36
CA THR B 169 11.77 -25.97 0.59
C THR B 169 12.05 -26.76 -0.70
N LEU B 170 11.05 -26.84 -1.57
CA LEU B 170 11.19 -27.58 -2.83
C LEU B 170 11.99 -26.86 -3.93
N TRP B 171 11.63 -25.62 -4.22
CA TRP B 171 12.32 -24.86 -5.26
C TRP B 171 12.35 -23.36 -5.02
N SER B 172 13.21 -22.67 -5.75
CA SER B 172 13.37 -21.22 -5.63
C SER B 172 12.26 -20.46 -6.38
N PRO B 173 12.02 -19.19 -5.99
CA PRO B 173 11.00 -18.35 -6.61
C PRO B 173 11.09 -18.32 -8.13
N GLU B 174 12.32 -18.31 -8.64
CA GLU B 174 12.52 -18.28 -10.08
C GLU B 174 12.11 -19.61 -10.72
N GLU B 175 12.51 -20.72 -10.09
CA GLU B 175 12.17 -22.04 -10.61
C GLU B 175 10.65 -22.17 -10.63
N ALA B 176 10.01 -21.59 -9.63
CA ALA B 176 8.55 -21.61 -9.51
C ALA B 176 7.93 -20.77 -10.62
N ARG B 177 8.46 -19.57 -10.81
CA ARG B 177 7.94 -18.69 -11.86
C ARG B 177 8.22 -19.33 -13.21
N GLY B 178 9.39 -19.95 -13.34
CA GLY B 178 9.75 -20.61 -14.57
C GLY B 178 8.70 -21.63 -14.94
N PHE B 179 8.23 -22.37 -13.93
CA PHE B 179 7.22 -23.39 -14.16
C PHE B 179 5.88 -22.73 -14.53
N LEU B 180 5.39 -21.88 -13.64
CA LEU B 180 4.13 -21.18 -13.85
C LEU B 180 4.11 -20.53 -15.24
N GLU B 181 5.19 -19.85 -15.57
CA GLU B 181 5.35 -19.16 -16.85
C GLU B 181 5.14 -20.14 -18.01
N ARG B 182 5.45 -21.40 -17.76
CA ARG B 182 5.31 -22.43 -18.78
C ARG B 182 3.98 -23.17 -18.70
N ALA B 183 3.50 -23.41 -17.49
CA ALA B 183 2.24 -24.12 -17.29
C ALA B 183 0.99 -23.25 -17.45
N LEU B 184 1.09 -22.00 -16.99
CA LEU B 184 -0.03 -21.05 -17.03
C LEU B 184 -1.01 -21.20 -18.20
N PRO B 185 -0.50 -21.29 -19.44
CA PRO B 185 -1.37 -21.43 -20.63
C PRO B 185 -2.47 -22.49 -20.54
N GLY B 186 -2.16 -23.63 -19.91
CA GLY B 186 -3.14 -24.70 -19.80
C GLY B 186 -4.00 -24.66 -18.56
N VAL B 187 -3.80 -23.65 -17.72
CA VAL B 187 -4.58 -23.53 -16.49
C VAL B 187 -5.90 -22.80 -16.73
N ASP B 188 -6.96 -23.32 -16.13
CA ASP B 188 -8.29 -22.74 -16.24
C ASP B 188 -8.72 -22.03 -14.95
N LEU B 189 -8.35 -22.65 -13.83
CA LEU B 189 -8.68 -22.14 -12.51
C LEU B 189 -7.40 -22.11 -11.69
N LEU B 190 -7.04 -20.95 -11.18
CA LEU B 190 -5.81 -20.81 -10.40
C LEU B 190 -6.03 -20.35 -8.97
N PHE B 191 -5.45 -21.10 -8.03
CA PHE B 191 -5.56 -20.75 -6.62
C PHE B 191 -4.22 -20.19 -6.16
N LEU B 192 -4.28 -18.99 -5.58
CA LEU B 192 -3.08 -18.32 -5.13
C LEU B 192 -3.30 -17.55 -3.84
N SER B 193 -2.30 -17.56 -2.96
CA SER B 193 -2.37 -16.86 -1.68
C SER B 193 -1.63 -15.53 -1.78
N GLU B 194 -1.95 -14.60 -0.91
CA GLU B 194 -1.31 -13.29 -0.91
C GLU B 194 0.20 -13.38 -0.76
N GLU B 195 0.67 -14.11 0.25
CA GLU B 195 2.10 -14.24 0.49
C GLU B 195 2.82 -14.75 -0.76
N GLU B 196 2.28 -15.81 -1.34
CA GLU B 196 2.84 -16.44 -2.55
C GLU B 196 3.06 -15.42 -3.67
N ALA B 197 2.00 -14.71 -4.04
CA ALA B 197 2.08 -13.71 -5.11
C ALA B 197 3.17 -12.68 -4.78
N GLU B 198 3.19 -12.27 -3.52
CA GLU B 198 4.15 -11.31 -2.99
C GLU B 198 5.57 -11.83 -3.08
N LEU B 199 5.72 -13.09 -2.67
CA LEU B 199 7.01 -13.77 -2.65
C LEU B 199 7.52 -14.15 -4.03
N LEU B 200 6.64 -14.10 -5.03
CA LEU B 200 7.02 -14.48 -6.39
C LEU B 200 6.94 -13.34 -7.42
N PHE B 201 6.06 -12.38 -7.19
CA PHE B 201 5.91 -11.27 -8.13
C PHE B 201 6.00 -9.90 -7.49
N GLY B 202 6.65 -9.84 -6.33
CA GLY B 202 6.80 -8.57 -5.65
C GLY B 202 5.56 -8.13 -4.90
N ARG B 203 4.49 -7.87 -5.63
CA ARG B 203 3.25 -7.44 -5.01
C ARG B 203 2.05 -8.14 -5.64
N VAL B 204 1.05 -8.39 -4.82
CA VAL B 204 -0.18 -9.04 -5.23
C VAL B 204 -0.69 -8.54 -6.59
N GLU B 205 -0.41 -7.28 -6.89
CA GLU B 205 -0.86 -6.67 -8.14
C GLU B 205 -0.25 -7.33 -9.36
N GLU B 206 1.06 -7.19 -9.50
CA GLU B 206 1.80 -7.77 -10.62
C GLU B 206 1.41 -9.22 -10.86
N ALA B 207 1.51 -10.02 -9.80
CA ALA B 207 1.19 -11.43 -9.87
C ALA B 207 -0.10 -11.67 -10.63
N LEU B 208 -1.15 -10.96 -10.24
CA LEU B 208 -2.46 -11.08 -10.87
C LEU B 208 -2.44 -10.78 -12.36
N ARG B 209 -1.62 -9.81 -12.77
CA ARG B 209 -1.54 -9.45 -14.18
C ARG B 209 -0.72 -10.46 -14.95
N ALA B 210 0.37 -10.92 -14.35
CA ALA B 210 1.25 -11.90 -14.98
C ALA B 210 0.54 -13.25 -15.08
N LEU B 211 -0.04 -13.69 -13.97
CA LEU B 211 -0.74 -14.96 -13.90
C LEU B 211 -2.22 -14.78 -14.20
N SER B 212 -2.54 -14.14 -15.33
CA SER B 212 -3.93 -13.92 -15.69
C SER B 212 -4.57 -15.14 -16.33
N ALA B 213 -5.21 -15.97 -15.50
CA ALA B 213 -5.89 -17.16 -15.99
C ALA B 213 -7.39 -16.86 -16.02
N PRO B 214 -8.16 -17.66 -16.77
CA PRO B 214 -9.61 -17.44 -16.87
C PRO B 214 -10.27 -17.12 -15.53
N GLU B 215 -9.89 -17.85 -14.49
CA GLU B 215 -10.45 -17.65 -13.18
C GLU B 215 -9.37 -17.82 -12.10
N VAL B 216 -9.03 -16.73 -11.43
CA VAL B 216 -8.03 -16.75 -10.37
C VAL B 216 -8.68 -16.50 -9.03
N VAL B 217 -8.23 -17.21 -8.00
CA VAL B 217 -8.78 -17.06 -6.66
C VAL B 217 -7.67 -16.73 -5.67
N LEU B 218 -7.71 -15.51 -5.16
CA LEU B 218 -6.69 -15.05 -4.22
C LEU B 218 -7.11 -15.22 -2.76
N LYS B 219 -6.50 -16.19 -2.10
CA LYS B 219 -6.77 -16.49 -0.69
C LYS B 219 -6.12 -15.41 0.16
N ARG B 220 -6.93 -14.74 0.98
CA ARG B 220 -6.41 -13.67 1.84
C ARG B 220 -6.41 -14.05 3.31
N GLY B 221 -6.15 -15.32 3.60
CA GLY B 221 -6.15 -15.77 4.97
C GLY B 221 -7.55 -15.64 5.55
N ALA B 222 -7.67 -14.88 6.64
CA ALA B 222 -8.97 -14.67 7.26
C ALA B 222 -9.70 -13.53 6.57
N LYS B 223 -8.96 -12.70 5.84
CA LYS B 223 -9.52 -11.57 5.12
C LYS B 223 -10.40 -12.08 3.97
N GLY B 224 -10.80 -13.35 4.06
CA GLY B 224 -11.64 -13.96 3.05
C GLY B 224 -10.86 -14.46 1.84
N ALA B 225 -11.20 -13.92 0.67
CA ALA B 225 -10.55 -14.28 -0.58
C ALA B 225 -11.32 -13.66 -1.74
N TRP B 226 -10.60 -13.22 -2.78
CA TRP B 226 -11.25 -12.61 -3.94
C TRP B 226 -11.33 -13.55 -5.12
N ALA B 227 -12.42 -13.44 -5.88
CA ALA B 227 -12.62 -14.26 -7.07
C ALA B 227 -12.63 -13.37 -8.31
N PHE B 228 -11.62 -13.53 -9.15
CA PHE B 228 -11.50 -12.75 -10.38
C PHE B 228 -11.95 -13.65 -11.55
N VAL B 229 -13.20 -13.47 -11.97
CA VAL B 229 -13.74 -14.29 -13.05
C VAL B 229 -13.79 -13.53 -14.38
N ASP B 230 -14.96 -12.99 -14.70
CA ASP B 230 -15.12 -12.25 -15.95
C ASP B 230 -14.78 -10.78 -15.76
N GLY B 231 -13.51 -10.51 -15.51
CA GLY B 231 -13.06 -9.15 -15.29
C GLY B 231 -13.64 -8.66 -13.98
N ARG B 232 -14.70 -9.34 -13.56
CA ARG B 232 -15.40 -9.03 -12.33
C ARG B 232 -14.51 -9.45 -11.17
N ARG B 233 -14.65 -8.77 -10.04
CA ARG B 233 -13.84 -9.08 -8.86
C ARG B 233 -14.77 -9.31 -7.69
N VAL B 234 -15.21 -10.55 -7.52
CA VAL B 234 -16.10 -10.88 -6.42
C VAL B 234 -15.29 -11.10 -5.16
N GLU B 235 -15.84 -10.66 -4.04
CA GLU B 235 -15.15 -10.81 -2.76
C GLU B 235 -15.90 -11.76 -1.84
N GLY B 236 -15.15 -12.48 -1.02
CA GLY B 236 -15.75 -13.43 -0.08
C GLY B 236 -15.10 -13.30 1.28
N SER B 237 -15.91 -13.37 2.34
CA SER B 237 -15.39 -13.24 3.70
C SER B 237 -15.27 -14.57 4.45
N ALA B 238 -14.16 -14.74 5.15
CA ALA B 238 -13.90 -15.95 5.93
C ALA B 238 -14.79 -16.04 7.16
N PHE B 239 -15.00 -17.26 7.65
CA PHE B 239 -15.85 -17.49 8.82
C PHE B 239 -15.07 -17.31 10.13
N ALA B 240 -15.59 -16.46 11.01
CA ALA B 240 -14.95 -16.20 12.30
C ALA B 240 -14.75 -17.49 13.10
N VAL B 241 -13.49 -17.92 13.22
CA VAL B 241 -13.17 -19.14 13.94
C VAL B 241 -11.78 -19.04 14.59
N GLU B 242 -11.55 -19.90 15.57
CA GLU B 242 -10.29 -19.95 16.30
C GLU B 242 -9.33 -20.95 15.66
N ALA B 243 -8.39 -20.44 14.85
CA ALA B 243 -7.43 -21.28 14.16
C ALA B 243 -6.71 -22.23 15.12
N VAL B 244 -6.99 -23.52 14.96
CA VAL B 244 -6.38 -24.55 15.79
C VAL B 244 -5.10 -25.01 15.11
N ASP B 245 -5.28 -25.70 13.99
CA ASP B 245 -4.19 -26.24 13.21
C ASP B 245 -4.44 -25.87 11.76
N PRO B 246 -4.03 -24.66 11.36
CA PRO B 246 -4.15 -24.07 10.03
C PRO B 246 -3.67 -24.90 8.85
N VAL B 247 -2.99 -26.01 9.12
CA VAL B 247 -2.50 -26.87 8.05
C VAL B 247 -3.61 -27.58 7.29
N GLY B 248 -3.52 -27.55 5.96
CA GLY B 248 -4.51 -28.22 5.13
C GLY B 248 -5.74 -27.39 4.79
N ALA B 249 -5.83 -26.19 5.38
CA ALA B 249 -6.98 -25.33 5.13
C ALA B 249 -7.04 -24.80 3.70
N GLY B 250 -5.88 -24.50 3.11
CA GLY B 250 -5.85 -24.00 1.74
C GLY B 250 -6.33 -25.05 0.76
N ASP B 251 -6.00 -26.31 1.04
CA ASP B 251 -6.41 -27.43 0.20
C ASP B 251 -7.91 -27.61 0.33
N ALA B 252 -8.39 -27.47 1.57
CA ALA B 252 -9.82 -27.61 1.85
C ALA B 252 -10.57 -26.48 1.16
N PHE B 253 -9.94 -25.32 1.13
CA PHE B 253 -10.50 -24.13 0.49
C PHE B 253 -10.73 -24.44 -0.99
N ALA B 254 -9.69 -24.95 -1.63
CA ALA B 254 -9.73 -25.30 -3.04
C ALA B 254 -10.85 -26.29 -3.33
N ALA B 255 -10.94 -27.33 -2.49
CA ALA B 255 -11.96 -28.36 -2.64
C ALA B 255 -13.38 -27.79 -2.57
N GLY B 256 -13.58 -26.81 -1.71
CA GLY B 256 -14.89 -26.20 -1.58
C GLY B 256 -15.27 -25.44 -2.83
N TYR B 257 -14.29 -24.75 -3.42
CA TYR B 257 -14.54 -23.99 -4.63
C TYR B 257 -14.84 -24.95 -5.78
N LEU B 258 -13.99 -25.97 -5.96
CA LEU B 258 -14.17 -26.95 -7.02
C LEU B 258 -15.56 -27.58 -6.95
N ALA B 259 -15.96 -28.00 -5.76
CA ALA B 259 -17.28 -28.59 -5.59
C ALA B 259 -18.33 -27.61 -6.10
N GLY B 260 -18.18 -26.34 -5.70
CA GLY B 260 -19.11 -25.31 -6.12
C GLY B 260 -19.15 -25.17 -7.61
N ALA B 261 -17.97 -25.25 -8.23
CA ALA B 261 -17.85 -25.16 -9.68
C ALA B 261 -18.50 -26.39 -10.30
N VAL B 262 -18.10 -27.56 -9.80
CA VAL B 262 -18.64 -28.82 -10.28
C VAL B 262 -20.17 -28.79 -10.27
N TRP B 263 -20.73 -28.13 -9.26
CA TRP B 263 -22.17 -28.03 -9.14
C TRP B 263 -22.71 -26.81 -9.87
N GLY B 264 -21.84 -26.15 -10.64
CA GLY B 264 -22.25 -24.97 -11.39
C GLY B 264 -22.89 -23.90 -10.51
N LEU B 265 -22.22 -23.57 -9.41
CA LEU B 265 -22.75 -22.58 -8.50
C LEU B 265 -22.20 -21.19 -8.76
N PRO B 266 -22.98 -20.15 -8.41
CA PRO B 266 -22.58 -18.76 -8.58
C PRO B 266 -21.26 -18.53 -7.89
N VAL B 267 -20.49 -17.54 -8.36
CA VAL B 267 -19.20 -17.26 -7.75
C VAL B 267 -19.35 -16.93 -6.26
N GLU B 268 -20.50 -16.38 -5.90
CA GLU B 268 -20.75 -16.03 -4.51
C GLU B 268 -20.85 -17.29 -3.67
N GLU B 269 -21.54 -18.30 -4.21
CA GLU B 269 -21.71 -19.55 -3.50
C GLU B 269 -20.45 -20.43 -3.58
N ARG B 270 -19.64 -20.23 -4.60
CA ARG B 270 -18.41 -21.01 -4.73
C ARG B 270 -17.42 -20.52 -3.66
N LEU B 271 -17.39 -19.20 -3.47
CA LEU B 271 -16.51 -18.60 -2.47
C LEU B 271 -17.00 -18.97 -1.08
N ARG B 272 -18.31 -18.87 -0.90
CA ARG B 272 -18.93 -19.20 0.38
C ARG B 272 -18.55 -20.62 0.78
N LEU B 273 -18.74 -21.56 -0.15
CA LEU B 273 -18.44 -22.96 0.09
C LEU B 273 -16.96 -23.15 0.41
N ALA B 274 -16.09 -22.54 -0.38
CA ALA B 274 -14.66 -22.64 -0.18
C ALA B 274 -14.22 -22.15 1.19
N ASN B 275 -14.64 -20.95 1.57
CA ASN B 275 -14.29 -20.37 2.90
C ASN B 275 -14.81 -21.26 4.02
N LEU B 276 -15.93 -21.93 3.77
CA LEU B 276 -16.54 -22.80 4.77
C LEU B 276 -15.63 -23.98 5.08
N LEU B 277 -15.13 -24.64 4.04
CA LEU B 277 -14.27 -25.79 4.21
C LEU B 277 -12.92 -25.40 4.79
N GLY B 278 -12.41 -24.25 4.35
CA GLY B 278 -11.12 -23.78 4.86
C GLY B 278 -11.18 -23.48 6.34
N ALA B 279 -12.31 -22.95 6.79
CA ALA B 279 -12.51 -22.64 8.20
C ALA B 279 -12.59 -23.92 9.04
N SER B 280 -13.41 -24.86 8.59
CA SER B 280 -13.58 -26.13 9.30
C SER B 280 -12.26 -26.86 9.53
N VAL B 281 -11.44 -26.97 8.48
CA VAL B 281 -10.17 -27.66 8.58
C VAL B 281 -9.21 -26.86 9.44
N ALA B 282 -9.31 -25.54 9.34
CA ALA B 282 -8.46 -24.65 10.09
C ALA B 282 -8.74 -24.80 11.59
N ALA B 283 -10.03 -24.96 11.92
CA ALA B 283 -10.46 -25.11 13.31
C ALA B 283 -10.36 -26.53 13.84
N SER B 284 -9.58 -27.39 13.17
CA SER B 284 -9.42 -28.78 13.60
C SER B 284 -8.00 -29.26 13.36
N ARG B 285 -7.54 -30.24 14.13
CA ARG B 285 -6.19 -30.73 13.92
C ARG B 285 -6.12 -31.78 12.82
N GLY B 286 -4.92 -32.07 12.36
CA GLY B 286 -4.74 -33.02 11.29
C GLY B 286 -4.68 -32.24 9.97
N ASP B 287 -4.40 -32.94 8.88
CA ASP B 287 -4.30 -32.31 7.56
C ASP B 287 -5.66 -31.99 6.92
N HIS B 288 -6.63 -32.89 7.10
CA HIS B 288 -7.95 -32.69 6.50
C HIS B 288 -9.06 -33.28 7.37
N GLU B 289 -8.77 -33.45 8.65
CA GLU B 289 -9.74 -34.04 9.55
C GLU B 289 -11.00 -33.23 9.76
N GLY B 290 -10.90 -31.92 9.60
CA GLY B 290 -12.07 -31.07 9.78
C GLY B 290 -13.04 -30.96 8.61
N ALA B 291 -12.63 -31.49 7.45
CA ALA B 291 -13.47 -31.45 6.25
C ALA B 291 -14.90 -31.91 6.53
N PRO B 292 -15.89 -31.07 6.18
CA PRO B 292 -17.31 -31.40 6.39
C PRO B 292 -17.86 -32.38 5.37
N TYR B 293 -19.02 -32.94 5.69
CA TYR B 293 -19.71 -33.88 4.82
C TYR B 293 -20.87 -33.18 4.12
N ARG B 294 -21.41 -33.80 3.07
CA ARG B 294 -22.51 -33.18 2.36
C ARG B 294 -23.65 -32.90 3.32
N GLU B 295 -23.98 -33.90 4.14
CA GLU B 295 -25.05 -33.79 5.13
C GLU B 295 -24.93 -32.57 6.03
N ASP B 296 -23.72 -32.07 6.21
CA ASP B 296 -23.48 -30.90 7.06
C ASP B 296 -23.96 -29.63 6.36
N LEU B 297 -23.66 -29.54 5.07
CA LEU B 297 -24.06 -28.39 4.27
C LEU B 297 -25.58 -28.37 4.21
N GLU B 298 -26.14 -29.53 3.89
CA GLU B 298 -27.58 -29.73 3.79
C GLU B 298 -28.26 -29.10 5.00
N VAL B 299 -27.71 -29.40 6.17
CA VAL B 299 -28.25 -28.92 7.44
C VAL B 299 -28.01 -27.43 7.68
N LEU B 300 -26.83 -26.93 7.32
CA LEU B 300 -26.49 -25.53 7.52
C LEU B 300 -27.33 -24.68 6.62
N LEU B 301 -28.52 -24.66 6.95
N MET C 1 -34.60 18.60 -28.42
CA MET C 1 -34.58 17.94 -27.07
C MET C 1 -33.15 17.71 -26.57
N LEU C 2 -32.86 18.31 -25.42
CA LEU C 2 -31.53 18.20 -24.83
C LEU C 2 -31.19 16.78 -24.41
N GLU C 3 -29.90 16.49 -24.39
CA GLU C 3 -29.41 15.18 -23.99
C GLU C 3 -28.79 15.32 -22.61
N VAL C 4 -28.00 16.38 -22.43
CA VAL C 4 -27.35 16.62 -21.15
C VAL C 4 -27.54 18.04 -20.65
N VAL C 5 -27.69 18.19 -19.35
CA VAL C 5 -27.86 19.50 -18.74
C VAL C 5 -26.97 19.61 -17.52
N THR C 6 -26.17 20.67 -17.48
CA THR C 6 -25.27 20.89 -16.35
C THR C 6 -25.53 22.27 -15.75
N ALA C 7 -25.05 22.48 -14.53
CA ALA C 7 -25.24 23.75 -13.85
C ALA C 7 -24.17 24.05 -12.82
N GLY C 8 -23.96 25.33 -12.57
CA GLY C 8 -22.95 25.73 -11.59
C GLY C 8 -22.57 27.19 -11.76
N GLU C 9 -21.43 27.56 -11.20
CA GLU C 9 -20.96 28.94 -11.32
C GLU C 9 -19.86 29.09 -12.35
N PRO C 10 -20.09 29.96 -13.33
CA PRO C 10 -19.08 30.18 -14.37
C PRO C 10 -17.99 31.09 -13.79
N LEU C 11 -16.77 30.96 -14.29
CA LEU C 11 -15.66 31.79 -13.81
C LEU C 11 -14.77 32.23 -14.95
N VAL C 12 -14.05 33.32 -14.72
CA VAL C 12 -13.13 33.84 -15.71
C VAL C 12 -11.73 33.55 -15.19
N ALA C 13 -10.92 32.88 -16.00
CA ALA C 13 -9.58 32.53 -15.60
C ALA C 13 -8.52 33.47 -16.14
N LEU C 14 -7.69 33.99 -15.25
CA LEU C 14 -6.60 34.85 -15.68
C LEU C 14 -5.34 34.04 -15.50
N VAL C 15 -4.66 33.78 -16.61
CA VAL C 15 -3.45 32.96 -16.62
C VAL C 15 -2.25 33.62 -17.29
N PRO C 16 -1.06 33.52 -16.67
CA PRO C 16 0.12 34.12 -17.28
C PRO C 16 0.51 33.36 -18.56
N GLN C 17 1.29 34.02 -19.42
CA GLN C 17 1.73 33.43 -20.69
C GLN C 17 2.66 32.24 -20.51
N GLU C 18 3.46 32.25 -19.45
CA GLU C 18 4.36 31.14 -19.18
C GLU C 18 4.50 30.89 -17.69
N PRO C 19 5.25 29.86 -17.31
CA PRO C 19 5.45 29.55 -15.89
C PRO C 19 6.04 30.71 -15.11
N GLY C 20 6.01 30.60 -13.79
CA GLY C 20 6.57 31.65 -12.96
C GLY C 20 5.58 32.26 -12.00
N HIS C 21 6.11 32.83 -10.93
CA HIS C 21 5.30 33.45 -9.90
C HIS C 21 4.49 34.60 -10.49
N LEU C 22 3.24 34.67 -10.08
CA LEU C 22 2.31 35.69 -10.52
C LEU C 22 2.87 37.11 -10.36
N ARG C 23 3.42 37.39 -9.20
CA ARG C 23 3.95 38.72 -8.89
C ARG C 23 4.91 39.28 -9.94
N GLY C 24 5.50 38.41 -10.75
CA GLY C 24 6.43 38.86 -11.76
C GLY C 24 5.86 39.02 -13.16
N LYS C 25 4.58 38.69 -13.34
CA LYS C 25 3.94 38.80 -14.64
C LYS C 25 3.42 40.21 -14.94
N ARG C 26 3.46 40.62 -16.20
CA ARG C 26 2.96 41.93 -16.59
C ARG C 26 1.77 41.82 -17.54
N LEU C 27 1.50 40.60 -18.00
CA LEU C 27 0.42 40.32 -18.93
C LEU C 27 -0.28 39.02 -18.55
N LEU C 28 -1.62 39.01 -18.68
CA LEU C 28 -2.41 37.85 -18.34
C LEU C 28 -3.39 37.44 -19.43
N GLU C 29 -3.53 36.14 -19.64
CA GLU C 29 -4.44 35.60 -20.63
C GLU C 29 -5.81 35.45 -19.98
N VAL C 30 -6.85 35.84 -20.71
CA VAL C 30 -8.22 35.78 -20.21
C VAL C 30 -8.93 34.54 -20.75
N TYR C 31 -9.44 33.70 -19.87
CA TYR C 31 -10.16 32.50 -20.29
C TYR C 31 -11.49 32.35 -19.56
N VAL C 32 -12.41 31.64 -20.20
CA VAL C 32 -13.72 31.39 -19.62
C VAL C 32 -13.67 30.00 -18.97
N GLY C 33 -13.78 29.96 -17.64
CA GLY C 33 -13.72 28.69 -16.94
C GLY C 33 -15.00 28.30 -16.20
N GLY C 34 -14.85 27.40 -15.22
CA GLY C 34 -15.98 26.93 -14.46
C GLY C 34 -16.20 25.48 -14.81
N ALA C 35 -15.96 24.59 -13.85
CA ALA C 35 -16.09 23.16 -14.04
C ALA C 35 -17.18 22.74 -15.02
N GLU C 36 -18.44 22.95 -14.63
CA GLU C 36 -19.58 22.57 -15.46
C GLU C 36 -19.62 23.33 -16.78
N VAL C 37 -18.97 24.49 -16.83
CA VAL C 37 -18.93 25.29 -18.04
C VAL C 37 -18.03 24.56 -19.03
N ASN C 38 -16.91 24.06 -18.50
CA ASN C 38 -15.95 23.34 -19.33
C ASN C 38 -16.62 22.11 -19.91
N VAL C 39 -17.38 21.41 -19.08
CA VAL C 39 -18.07 20.21 -19.50
C VAL C 39 -19.14 20.53 -20.54
N ALA C 40 -19.85 21.64 -20.34
CA ALA C 40 -20.89 22.07 -21.26
C ALA C 40 -20.32 22.29 -22.66
N VAL C 41 -19.26 23.09 -22.75
CA VAL C 41 -18.62 23.40 -24.03
C VAL C 41 -18.06 22.15 -24.69
N ALA C 42 -17.34 21.34 -23.91
CA ALA C 42 -16.73 20.11 -24.41
C ALA C 42 -17.76 19.21 -25.11
N LEU C 43 -18.93 19.08 -24.48
CA LEU C 43 -19.99 18.24 -25.04
C LEU C 43 -20.63 18.86 -26.27
N ALA C 44 -20.81 20.17 -26.24
CA ALA C 44 -21.38 20.90 -27.36
C ALA C 44 -20.47 20.74 -28.58
N ARG C 45 -19.16 20.87 -28.35
CA ARG C 45 -18.18 20.71 -29.43
C ARG C 45 -18.26 19.34 -30.07
N LEU C 46 -18.68 18.35 -29.29
CA LEU C 46 -18.79 16.99 -29.81
C LEU C 46 -20.15 16.70 -30.42
N GLY C 47 -20.99 17.73 -30.49
CA GLY C 47 -22.31 17.57 -31.07
C GLY C 47 -23.40 17.14 -30.10
N VAL C 48 -23.05 17.02 -28.82
CA VAL C 48 -24.04 16.61 -27.83
C VAL C 48 -24.93 17.80 -27.48
N LYS C 49 -26.25 17.58 -27.50
CA LYS C 49 -27.20 18.62 -27.17
C LYS C 49 -27.11 18.85 -25.67
N VAL C 50 -26.59 20.00 -25.27
CA VAL C 50 -26.45 20.30 -23.85
C VAL C 50 -26.87 21.71 -23.51
N GLY C 51 -27.40 21.86 -22.30
CA GLY C 51 -27.82 23.16 -21.83
C GLY C 51 -27.04 23.48 -20.56
N PHE C 52 -26.87 24.77 -20.27
CA PHE C 52 -26.16 25.16 -19.05
C PHE C 52 -27.03 26.07 -18.19
N VAL C 53 -27.15 25.71 -16.91
CA VAL C 53 -27.93 26.51 -15.98
C VAL C 53 -27.01 27.29 -15.06
N GLY C 54 -27.19 28.60 -15.00
CA GLY C 54 -26.36 29.41 -14.13
C GLY C 54 -26.56 30.89 -14.35
N ARG C 55 -25.91 31.68 -13.50
CA ARG C 55 -25.99 33.13 -13.61
C ARG C 55 -24.60 33.76 -13.59
N VAL C 56 -24.52 34.97 -14.13
CA VAL C 56 -23.28 35.73 -14.19
C VAL C 56 -23.65 37.14 -13.80
N GLY C 57 -22.65 37.98 -13.55
CA GLY C 57 -22.95 39.35 -13.18
C GLY C 57 -23.33 40.14 -14.41
N GLU C 58 -23.86 41.34 -14.19
CA GLU C 58 -24.25 42.20 -15.30
C GLU C 58 -23.05 43.09 -15.67
N ASP C 59 -21.89 42.45 -15.81
CA ASP C 59 -20.67 43.16 -16.17
C ASP C 59 -20.10 42.62 -17.48
N GLU C 60 -18.91 43.09 -17.84
CA GLU C 60 -18.29 42.66 -19.08
C GLU C 60 -17.79 41.22 -19.07
N LEU C 61 -17.36 40.74 -17.91
CA LEU C 61 -16.89 39.35 -17.82
C LEU C 61 -18.08 38.40 -17.92
N GLY C 62 -19.21 38.80 -17.35
CA GLY C 62 -20.40 37.97 -17.42
C GLY C 62 -20.84 37.86 -18.86
N ALA C 63 -20.75 38.99 -19.57
CA ALA C 63 -21.11 39.05 -20.99
C ALA C 63 -20.19 38.13 -21.78
N MET C 64 -18.90 38.23 -21.51
CA MET C 64 -17.89 37.40 -22.17
C MET C 64 -18.26 35.92 -22.04
N VAL C 65 -18.66 35.53 -20.84
CA VAL C 65 -19.05 34.15 -20.55
C VAL C 65 -20.22 33.77 -21.45
N GLU C 66 -21.22 34.66 -21.48
CA GLU C 66 -22.43 34.47 -22.27
C GLU C 66 -22.13 34.23 -23.74
N GLU C 67 -21.22 35.03 -24.29
CA GLU C 67 -20.84 34.91 -25.70
C GLU C 67 -20.26 33.53 -25.99
N ARG C 68 -19.26 33.14 -25.20
CA ARG C 68 -18.60 31.85 -25.35
C ARG C 68 -19.61 30.70 -25.33
N LEU C 69 -20.49 30.69 -24.34
CA LEU C 69 -21.50 29.65 -24.20
C LEU C 69 -22.43 29.62 -25.40
N ARG C 70 -22.81 30.81 -25.86
CA ARG C 70 -23.69 30.97 -27.00
C ARG C 70 -22.96 30.61 -28.31
N ALA C 71 -21.73 31.09 -28.43
CA ALA C 71 -20.89 30.83 -29.59
C ALA C 71 -20.69 29.33 -29.75
N GLU C 72 -20.46 28.65 -28.63
CA GLU C 72 -20.22 27.22 -28.62
C GLU C 72 -21.47 26.39 -28.85
N GLY C 73 -22.63 27.05 -28.88
CA GLY C 73 -23.87 26.34 -29.12
C GLY C 73 -24.46 25.64 -27.90
N VAL C 74 -24.27 26.22 -26.72
CA VAL C 74 -24.81 25.64 -25.50
C VAL C 74 -26.20 26.24 -25.30
N ASP C 75 -27.15 25.46 -24.78
CA ASP C 75 -28.48 25.99 -24.56
C ASP C 75 -28.52 26.81 -23.27
N LEU C 76 -28.81 28.10 -23.40
CA LEU C 76 -28.85 28.98 -22.25
C LEU C 76 -30.26 29.39 -21.91
N THR C 77 -31.20 28.47 -22.11
CA THR C 77 -32.60 28.73 -21.83
C THR C 77 -32.76 29.18 -20.38
N HIS C 78 -31.96 28.63 -19.49
CA HIS C 78 -32.04 29.03 -18.09
C HIS C 78 -30.75 29.61 -17.56
N PHE C 79 -30.02 30.26 -18.47
CA PHE C 79 -28.76 30.94 -18.17
C PHE C 79 -29.06 32.41 -18.37
N ARG C 80 -28.49 33.27 -17.53
CA ARG C 80 -28.76 34.69 -17.66
C ARG C 80 -27.81 35.57 -16.86
N ARG C 81 -27.66 36.81 -17.34
CA ARG C 81 -26.83 37.79 -16.66
C ARG C 81 -27.74 38.50 -15.66
N ALA C 82 -27.44 38.35 -14.38
CA ALA C 82 -28.26 38.97 -13.34
C ALA C 82 -27.44 39.98 -12.55
N PRO C 83 -28.11 40.78 -11.71
CA PRO C 83 -27.43 41.79 -10.90
C PRO C 83 -26.27 41.16 -10.15
N GLY C 84 -25.19 41.91 -9.97
CA GLY C 84 -24.05 41.37 -9.26
C GLY C 84 -22.83 41.32 -10.16
N PHE C 85 -21.81 40.60 -9.71
CA PHE C 85 -20.57 40.49 -10.48
C PHE C 85 -20.24 39.06 -10.87
N THR C 86 -19.38 38.94 -11.88
CA THR C 86 -18.93 37.65 -12.37
C THR C 86 -17.62 37.29 -11.66
N GLY C 87 -17.57 36.10 -11.06
CA GLY C 87 -16.38 35.69 -10.35
C GLY C 87 -15.21 35.41 -11.28
N LEU C 88 -14.00 35.57 -10.76
CA LEU C 88 -12.80 35.31 -11.53
C LEU C 88 -11.73 34.76 -10.59
N TYR C 89 -10.65 34.27 -11.17
CA TYR C 89 -9.55 33.75 -10.38
C TYR C 89 -8.24 33.86 -11.15
N LEU C 90 -7.14 33.80 -10.43
CA LEU C 90 -5.82 33.92 -11.03
C LEU C 90 -4.95 32.69 -10.76
N ARG C 91 -4.55 32.04 -11.86
CA ARG C 91 -3.74 30.85 -11.79
C ARG C 91 -2.26 31.22 -11.86
N GLU C 92 -1.40 30.32 -11.40
CA GLU C 92 0.03 30.55 -11.40
C GLU C 92 0.77 29.22 -11.45
N TYR C 93 1.50 28.97 -12.53
CA TYR C 93 2.24 27.73 -12.63
C TYR C 93 3.74 27.94 -12.50
N LEU C 94 4.32 27.28 -11.51
CA LEU C 94 5.74 27.43 -11.26
C LEU C 94 6.64 26.49 -12.05
N PRO C 95 7.87 26.95 -12.36
CA PRO C 95 8.92 26.25 -13.11
C PRO C 95 8.94 24.75 -12.91
N LEU C 96 8.87 24.32 -11.66
CA LEU C 96 8.91 22.91 -11.35
C LEU C 96 7.55 22.24 -11.18
N GLY C 97 6.50 22.84 -11.72
CA GLY C 97 5.18 22.24 -11.64
C GLY C 97 4.18 22.70 -10.59
N GLN C 98 4.65 23.00 -9.39
CA GLN C 98 3.76 23.44 -8.31
C GLN C 98 3.00 24.73 -8.64
N GLY C 99 1.68 24.65 -8.67
CA GLY C 99 0.87 25.82 -8.97
C GLY C 99 0.19 26.41 -7.76
N ARG C 100 -0.62 27.45 -7.98
CA ARG C 100 -1.35 28.11 -6.90
C ARG C 100 -2.44 29.00 -7.50
N VAL C 101 -3.65 28.89 -6.96
CA VAL C 101 -4.80 29.63 -7.45
C VAL C 101 -5.33 30.68 -6.45
N PHE C 102 -5.69 31.86 -6.97
CA PHE C 102 -6.23 32.94 -6.15
C PHE C 102 -7.64 33.30 -6.65
N TYR C 103 -8.62 33.16 -5.76
CA TYR C 103 -10.01 33.42 -6.12
C TYR C 103 -10.55 34.81 -5.76
N TYR C 104 -11.51 35.25 -6.57
CA TYR C 104 -12.20 36.54 -6.42
C TYR C 104 -13.60 36.20 -6.88
N ARG C 105 -14.31 35.39 -6.10
CA ARG C 105 -15.63 34.92 -6.47
C ARG C 105 -16.67 34.97 -5.35
N LYS C 106 -16.22 35.16 -4.11
CA LYS C 106 -17.13 35.21 -2.98
C LYS C 106 -18.21 36.26 -3.16
N GLY C 107 -19.47 35.82 -3.05
CA GLY C 107 -20.59 36.73 -3.19
C GLY C 107 -20.93 37.10 -4.62
N SER C 108 -20.47 36.29 -5.57
CA SER C 108 -20.72 36.54 -6.98
C SER C 108 -22.15 36.18 -7.35
N ALA C 109 -22.60 36.68 -8.51
CA ALA C 109 -23.94 36.42 -8.98
C ALA C 109 -24.13 34.94 -9.24
N GLY C 110 -23.05 34.28 -9.64
CA GLY C 110 -23.12 32.85 -9.92
C GLY C 110 -23.22 31.96 -8.70
N SER C 111 -22.71 32.41 -7.57
CA SER C 111 -22.76 31.61 -6.34
C SER C 111 -24.11 31.67 -5.64
N ALA C 112 -25.08 32.31 -6.28
CA ALA C 112 -26.43 32.45 -5.72
C ALA C 112 -27.26 31.18 -5.80
N LEU C 113 -27.20 30.51 -6.95
CA LEU C 113 -27.96 29.28 -7.19
C LEU C 113 -28.62 28.66 -5.97
N ALA C 114 -29.96 28.60 -6.03
CA ALA C 114 -30.75 28.06 -4.95
C ALA C 114 -31.83 27.18 -5.56
N PRO C 115 -32.55 26.39 -4.73
CA PRO C 115 -33.63 25.51 -5.24
C PRO C 115 -34.69 26.25 -6.06
N GLY C 116 -34.87 25.79 -7.31
CA GLY C 116 -35.83 26.41 -8.20
C GLY C 116 -35.20 27.40 -9.15
N ALA C 117 -33.87 27.38 -9.22
CA ALA C 117 -33.11 28.29 -10.09
C ALA C 117 -33.54 28.17 -11.55
N PHE C 118 -34.21 27.07 -11.88
CA PHE C 118 -34.68 26.84 -13.25
C PHE C 118 -35.94 25.98 -13.26
N ASP C 119 -36.61 25.95 -14.40
CA ASP C 119 -37.82 25.17 -14.55
C ASP C 119 -37.52 23.69 -14.72
N PRO C 120 -37.97 22.86 -13.76
CA PRO C 120 -37.76 21.41 -13.75
C PRO C 120 -38.14 20.71 -15.05
N ASP C 121 -39.20 21.19 -15.71
CA ASP C 121 -39.63 20.59 -16.96
C ASP C 121 -38.57 20.70 -18.03
N TYR C 122 -37.46 21.33 -17.66
CA TYR C 122 -36.30 21.52 -18.53
C TYR C 122 -35.61 20.15 -18.65
N LEU C 123 -35.59 19.42 -17.53
CA LEU C 123 -34.96 18.10 -17.46
C LEU C 123 -35.80 16.99 -18.08
N GLU C 124 -36.88 17.36 -18.75
CA GLU C 124 -37.76 16.38 -19.36
C GLU C 124 -37.12 15.72 -20.58
N GLY C 125 -36.96 14.40 -20.53
CA GLY C 125 -36.37 13.67 -21.64
C GLY C 125 -34.86 13.75 -21.70
N VAL C 126 -34.27 14.42 -20.73
CA VAL C 126 -32.81 14.56 -20.69
C VAL C 126 -32.10 13.29 -20.22
N ARG C 127 -31.02 12.97 -20.91
CA ARG C 127 -30.19 11.80 -20.65
C ARG C 127 -29.53 11.86 -19.26
N PHE C 128 -28.66 12.86 -19.10
CA PHE C 128 -27.90 13.06 -17.87
C PHE C 128 -28.01 14.49 -17.34
N LEU C 129 -27.73 14.61 -16.05
CA LEU C 129 -27.68 15.89 -15.36
C LEU C 129 -26.32 15.88 -14.70
N HIS C 130 -25.47 16.82 -15.07
CA HIS C 130 -24.16 16.84 -14.47
C HIS C 130 -23.90 17.97 -13.49
N LEU C 131 -23.33 17.62 -12.34
CA LEU C 131 -23.00 18.60 -11.30
C LEU C 131 -21.63 18.29 -10.70
N SER C 132 -20.96 19.31 -10.19
CA SER C 132 -19.65 19.13 -9.60
C SER C 132 -19.71 19.42 -8.10
N GLY C 133 -18.84 18.78 -7.33
CA GLY C 133 -18.83 18.99 -5.89
C GLY C 133 -18.45 20.40 -5.50
N ILE C 134 -18.12 21.22 -6.48
CA ILE C 134 -17.74 22.59 -6.21
C ILE C 134 -19.00 23.42 -5.95
N THR C 135 -20.05 23.13 -6.69
CA THR C 135 -21.33 23.82 -6.57
C THR C 135 -21.86 23.87 -5.13
N PRO C 136 -22.21 22.70 -4.56
CA PRO C 136 -22.74 22.67 -3.19
C PRO C 136 -21.80 23.26 -2.13
N ALA C 137 -20.50 23.24 -2.42
CA ALA C 137 -19.49 23.76 -1.52
C ALA C 137 -19.48 25.29 -1.43
N LEU C 138 -20.12 25.93 -2.40
CA LEU C 138 -20.15 27.39 -2.45
C LEU C 138 -20.98 28.04 -1.35
N SER C 139 -22.22 27.60 -1.21
CA SER C 139 -23.09 28.18 -0.20
C SER C 139 -24.18 27.22 0.22
N PRO C 140 -24.89 27.53 1.32
CA PRO C 140 -25.98 26.68 1.81
C PRO C 140 -27.09 26.57 0.77
N GLU C 141 -27.26 27.63 0.00
CA GLU C 141 -28.27 27.68 -1.03
C GLU C 141 -27.86 26.80 -2.21
N ALA C 142 -26.58 26.89 -2.59
CA ALA C 142 -26.05 26.08 -3.68
C ALA C 142 -26.12 24.58 -3.34
N ARG C 143 -25.77 24.24 -2.10
CA ARG C 143 -25.81 22.86 -1.63
C ARG C 143 -27.25 22.34 -1.69
N ALA C 144 -28.19 23.20 -1.28
CA ALA C 144 -29.60 22.85 -1.29
C ALA C 144 -30.06 22.65 -2.73
N PHE C 145 -29.67 23.60 -3.59
CA PHE C 145 -29.99 23.55 -5.01
C PHE C 145 -29.56 22.21 -5.58
N SER C 146 -28.28 21.90 -5.39
CA SER C 146 -27.68 20.66 -5.87
C SER C 146 -28.55 19.46 -5.55
N LEU C 147 -28.86 19.30 -4.27
CA LEU C 147 -29.69 18.20 -3.80
C LEU C 147 -31.02 18.27 -4.50
N TRP C 148 -31.59 19.46 -4.55
CA TRP C 148 -32.88 19.71 -5.19
C TRP C 148 -32.84 19.31 -6.67
N ALA C 149 -31.80 19.76 -7.36
CA ALA C 149 -31.63 19.47 -8.78
C ALA C 149 -31.65 17.97 -9.09
N MET C 150 -30.79 17.22 -8.41
CA MET C 150 -30.67 15.78 -8.62
C MET C 150 -31.93 15.01 -8.25
N GLU C 151 -32.77 15.63 -7.45
CA GLU C 151 -34.00 14.99 -7.02
C GLU C 151 -35.09 15.14 -8.08
N GLU C 152 -35.08 16.29 -8.75
CA GLU C 152 -36.02 16.63 -9.80
C GLU C 152 -35.67 15.80 -11.04
N ALA C 153 -34.39 15.47 -11.17
CA ALA C 153 -33.89 14.70 -12.28
C ALA C 153 -34.29 13.25 -12.14
N LYS C 154 -34.03 12.68 -10.97
CA LYS C 154 -34.37 11.28 -10.72
C LYS C 154 -35.87 11.07 -10.87
N ARG C 155 -36.64 12.08 -10.48
CA ARG C 155 -38.08 12.07 -10.56
C ARG C 155 -38.55 12.07 -12.02
N ARG C 156 -37.66 12.52 -12.91
CA ARG C 156 -37.96 12.60 -14.33
C ARG C 156 -37.20 11.54 -15.10
N GLY C 157 -36.66 10.57 -14.37
CA GLY C 157 -35.93 9.50 -14.99
C GLY C 157 -34.63 9.98 -15.60
N VAL C 158 -34.04 11.01 -15.02
CA VAL C 158 -32.78 11.52 -15.55
C VAL C 158 -31.63 11.08 -14.66
N ARG C 159 -30.70 10.35 -15.26
CA ARG C 159 -29.52 9.83 -14.55
C ARG C 159 -28.74 11.01 -13.99
N VAL C 160 -28.18 10.87 -12.80
CA VAL C 160 -27.40 11.96 -12.24
C VAL C 160 -25.93 11.63 -12.26
N SER C 161 -25.16 12.53 -12.87
CA SER C 161 -23.71 12.38 -12.99
C SER C 161 -23.05 13.38 -12.06
N LEU C 162 -22.10 12.91 -11.26
CA LEU C 162 -21.41 13.79 -10.33
C LEU C 162 -19.89 13.62 -10.33
N ASP C 163 -19.20 14.76 -10.34
CA ASP C 163 -17.73 14.76 -10.30
C ASP C 163 -17.40 15.38 -8.96
N VAL C 164 -17.00 14.54 -8.02
CA VAL C 164 -16.67 14.96 -6.67
C VAL C 164 -15.98 16.33 -6.68
N ASN C 165 -14.88 16.43 -7.44
CA ASN C 165 -14.14 17.68 -7.54
C ASN C 165 -14.03 18.37 -6.19
N TYR C 166 -13.40 17.71 -5.24
CA TYR C 166 -13.25 18.28 -3.91
C TYR C 166 -12.28 19.46 -3.84
N ARG C 167 -12.72 20.56 -3.26
CA ARG C 167 -11.87 21.74 -3.14
C ARG C 167 -11.66 22.05 -1.67
N GLN C 168 -10.40 21.98 -1.24
CA GLN C 168 -10.06 22.23 0.15
C GLN C 168 -10.40 23.67 0.51
N THR C 169 -10.42 24.53 -0.50
CA THR C 169 -10.71 25.94 -0.32
C THR C 169 -12.16 26.19 0.09
N LEU C 170 -13.07 25.42 -0.50
CA LEU C 170 -14.49 25.58 -0.21
C LEU C 170 -14.99 24.96 1.10
N TRP C 171 -14.66 23.69 1.32
CA TRP C 171 -15.10 23.03 2.55
C TRP C 171 -14.13 21.94 3.03
N SER C 172 -14.31 21.51 4.28
CA SER C 172 -13.46 20.48 4.89
C SER C 172 -13.86 19.08 4.44
N PRO C 173 -12.92 18.12 4.55
CA PRO C 173 -13.16 16.73 4.16
C PRO C 173 -14.43 16.14 4.77
N GLU C 174 -14.73 16.54 6.00
CA GLU C 174 -15.90 16.05 6.70
C GLU C 174 -17.16 16.64 6.07
N GLU C 175 -17.14 17.95 5.82
CA GLU C 175 -18.27 18.64 5.20
C GLU C 175 -18.55 17.99 3.85
N ALA C 176 -17.48 17.60 3.16
CA ALA C 176 -17.59 16.97 1.85
C ALA C 176 -18.18 15.57 1.97
N ARG C 177 -17.67 14.82 2.93
CA ARG C 177 -18.17 13.46 3.17
C ARG C 177 -19.63 13.58 3.59
N GLY C 178 -19.91 14.56 4.44
CA GLY C 178 -21.26 14.77 4.91
C GLY C 178 -22.21 14.93 3.74
N PHE C 179 -21.78 15.69 2.74
CA PHE C 179 -22.60 15.93 1.57
C PHE C 179 -22.76 14.64 0.76
N LEU C 180 -21.63 14.07 0.35
CA LEU C 180 -21.64 12.85 -0.43
C LEU C 180 -22.48 11.77 0.26
N GLU C 181 -22.27 11.61 1.56
CA GLU C 181 -23.01 10.63 2.34
C GLU C 181 -24.52 10.85 2.20
N ARG C 182 -24.90 12.09 1.93
CA ARG C 182 -26.29 12.49 1.78
C ARG C 182 -26.77 12.42 0.33
N ALA C 183 -25.91 12.87 -0.59
CA ALA C 183 -26.25 12.89 -2.01
C ALA C 183 -26.09 11.55 -2.72
N LEU C 184 -25.06 10.79 -2.34
CA LEU C 184 -24.78 9.49 -2.93
C LEU C 184 -25.97 8.68 -3.47
N PRO C 185 -27.02 8.51 -2.65
CA PRO C 185 -28.20 7.75 -3.07
C PRO C 185 -28.77 8.10 -4.44
N GLY C 186 -28.77 9.39 -4.77
CA GLY C 186 -29.32 9.82 -6.05
C GLY C 186 -28.34 9.85 -7.22
N VAL C 187 -27.08 9.51 -6.96
CA VAL C 187 -26.07 9.52 -8.00
C VAL C 187 -26.07 8.22 -8.79
N ASP C 188 -25.93 8.37 -10.10
CA ASP C 188 -25.92 7.24 -11.02
C ASP C 188 -24.51 6.99 -11.57
N LEU C 189 -23.81 8.09 -11.85
CA LEU C 189 -22.45 8.05 -12.38
C LEU C 189 -21.58 8.96 -11.53
N LEU C 190 -20.52 8.41 -10.95
CA LEU C 190 -19.65 9.21 -10.11
C LEU C 190 -18.21 9.31 -10.59
N PHE C 191 -17.71 10.54 -10.68
CA PHE C 191 -16.34 10.77 -11.10
C PHE C 191 -15.50 11.11 -9.89
N LEU C 192 -14.40 10.37 -9.72
CA LEU C 192 -13.53 10.57 -8.58
C LEU C 192 -12.06 10.39 -8.93
N SER C 193 -11.21 11.22 -8.34
CA SER C 193 -9.77 11.15 -8.57
C SER C 193 -9.10 10.41 -7.41
N GLU C 194 -7.92 9.85 -7.65
CA GLU C 194 -7.24 9.13 -6.59
C GLU C 194 -6.94 9.99 -5.36
N GLU C 195 -6.39 11.19 -5.56
CA GLU C 195 -6.09 12.07 -4.43
C GLU C 195 -7.31 12.29 -3.58
N GLU C 196 -8.41 12.66 -4.24
CA GLU C 196 -9.67 12.93 -3.56
C GLU C 196 -10.11 11.80 -2.64
N ALA C 197 -10.20 10.59 -3.20
CA ALA C 197 -10.61 9.43 -2.41
C ALA C 197 -9.70 9.26 -1.21
N GLU C 198 -8.40 9.42 -1.44
CA GLU C 198 -7.40 9.29 -0.38
C GLU C 198 -7.51 10.39 0.65
N LEU C 199 -7.79 11.60 0.18
CA LEU C 199 -7.92 12.77 1.05
C LEU C 199 -9.25 12.78 1.80
N LEU C 200 -10.19 11.93 1.40
CA LEU C 200 -11.49 11.87 2.04
C LEU C 200 -11.83 10.55 2.72
N PHE C 201 -11.26 9.46 2.24
CA PHE C 201 -11.53 8.14 2.82
C PHE C 201 -10.27 7.36 3.19
N GLY C 202 -9.17 8.07 3.38
CA GLY C 202 -7.93 7.42 3.74
C GLY C 202 -7.21 6.77 2.57
N ARG C 203 -7.83 5.77 1.97
CA ARG C 203 -7.23 5.10 0.82
C ARG C 203 -8.26 4.82 -0.26
N VAL C 204 -7.81 4.89 -1.51
CA VAL C 204 -8.68 4.67 -2.65
C VAL C 204 -9.61 3.47 -2.48
N GLU C 205 -9.20 2.50 -1.68
CA GLU C 205 -10.02 1.31 -1.45
C GLU C 205 -11.33 1.60 -0.74
N GLU C 206 -11.23 2.09 0.50
CA GLU C 206 -12.44 2.37 1.27
C GLU C 206 -13.38 3.29 0.52
N ALA C 207 -12.86 4.38 -0.04
CA ALA C 207 -13.66 5.34 -0.78
C ALA C 207 -14.59 4.62 -1.76
N LEU C 208 -14.01 3.70 -2.53
CA LEU C 208 -14.77 2.94 -3.52
C LEU C 208 -15.89 2.12 -2.90
N ARG C 209 -15.64 1.60 -1.70
CA ARG C 209 -16.65 0.79 -1.00
C ARG C 209 -17.74 1.67 -0.41
N ALA C 210 -17.32 2.79 0.17
CA ALA C 210 -18.24 3.73 0.78
C ALA C 210 -19.10 4.41 -0.28
N LEU C 211 -18.44 4.92 -1.31
CA LEU C 211 -19.13 5.60 -2.38
C LEU C 211 -19.44 4.65 -3.53
N SER C 212 -20.15 3.56 -3.21
CA SER C 212 -20.48 2.57 -4.23
C SER C 212 -21.73 2.98 -5.02
N ALA C 213 -21.52 3.65 -6.14
CA ALA C 213 -22.62 4.08 -7.01
C ALA C 213 -22.67 3.12 -8.20
N PRO C 214 -23.80 3.07 -8.91
CA PRO C 214 -23.95 2.18 -10.07
C PRO C 214 -22.73 2.14 -10.98
N GLU C 215 -22.14 3.30 -11.23
CA GLU C 215 -20.98 3.40 -12.09
C GLU C 215 -20.02 4.46 -11.57
N VAL C 216 -18.86 4.02 -11.10
CA VAL C 216 -17.84 4.94 -10.58
C VAL C 216 -16.63 4.96 -11.50
N VAL C 217 -16.07 6.14 -11.71
CA VAL C 217 -14.91 6.31 -12.57
C VAL C 217 -13.76 6.95 -11.80
N LEU C 218 -12.71 6.16 -11.57
CA LEU C 218 -11.54 6.66 -10.84
C LEU C 218 -10.44 7.17 -11.76
N LYS C 219 -10.28 8.50 -11.79
CA LYS C 219 -9.26 9.15 -12.60
C LYS C 219 -7.90 8.94 -11.93
N ARG C 220 -6.97 8.35 -12.65
CA ARG C 220 -5.63 8.09 -12.10
C ARG C 220 -4.55 8.98 -12.72
N GLY C 221 -4.92 10.20 -13.06
CA GLY C 221 -3.97 11.11 -13.68
C GLY C 221 -3.57 10.56 -15.04
N ALA C 222 -2.27 10.33 -15.23
CA ALA C 222 -1.78 9.79 -16.49
C ALA C 222 -1.89 8.26 -16.49
N LYS C 223 -2.01 7.68 -15.29
CA LYS C 223 -2.14 6.23 -15.18
C LYS C 223 -3.48 5.77 -15.74
N GLY C 224 -4.10 6.63 -16.57
CA GLY C 224 -5.37 6.30 -17.17
C GLY C 224 -6.55 6.60 -16.28
N ALA C 225 -7.33 5.56 -15.99
CA ALA C 225 -8.52 5.67 -15.15
C ALA C 225 -9.29 4.35 -15.19
N TRP C 226 -9.87 3.94 -14.06
CA TRP C 226 -10.62 2.68 -13.99
C TRP C 226 -12.13 2.91 -14.02
N ALA C 227 -12.85 2.02 -14.68
CA ALA C 227 -14.30 2.11 -14.76
C ALA C 227 -14.93 0.92 -14.06
N PHE C 228 -15.62 1.20 -12.96
CA PHE C 228 -16.27 0.15 -12.19
C PHE C 228 -17.76 0.18 -12.49
N VAL C 229 -18.20 -0.70 -13.37
CA VAL C 229 -19.60 -0.73 -13.74
C VAL C 229 -20.37 -1.89 -13.11
N ASP C 230 -20.48 -3.00 -13.84
CA ASP C 230 -21.21 -4.18 -13.35
C ASP C 230 -20.28 -5.08 -12.56
N GLY C 231 -19.78 -4.57 -11.42
CA GLY C 231 -18.86 -5.35 -10.61
C GLY C 231 -17.56 -5.51 -11.37
N ARG C 232 -17.65 -5.33 -12.68
CA ARG C 232 -16.52 -5.43 -13.57
C ARG C 232 -15.63 -4.21 -13.33
N ARG C 233 -14.34 -4.37 -13.56
CA ARG C 233 -13.39 -3.29 -13.36
C ARG C 233 -12.61 -3.05 -14.65
N VAL C 234 -13.15 -2.24 -15.55
CA VAL C 234 -12.48 -1.95 -16.81
C VAL C 234 -11.41 -0.91 -16.58
N GLU C 235 -10.30 -1.06 -17.30
CA GLU C 235 -9.19 -0.13 -17.16
C GLU C 235 -8.96 0.62 -18.47
N GLY C 236 -8.53 1.88 -18.35
CA GLY C 236 -8.27 2.70 -19.51
C GLY C 236 -6.96 3.45 -19.36
N SER C 237 -6.19 3.53 -20.44
CA SER C 237 -4.90 4.23 -20.40
C SER C 237 -4.91 5.61 -21.02
N ALA C 238 -4.25 6.55 -20.34
CA ALA C 238 -4.17 7.94 -20.81
C ALA C 238 -3.27 8.07 -22.03
N PHE C 239 -3.47 9.12 -22.81
CA PHE C 239 -2.68 9.37 -24.01
C PHE C 239 -1.39 10.11 -23.71
N ALA C 240 -0.27 9.55 -24.16
CA ALA C 240 1.04 10.15 -23.95
C ALA C 240 1.12 11.57 -24.50
N VAL C 241 1.15 12.55 -23.59
CA VAL C 241 1.22 13.94 -24.00
C VAL C 241 1.98 14.78 -22.97
N GLU C 242 2.43 15.97 -23.39
CA GLU C 242 3.16 16.87 -22.52
C GLU C 242 2.22 17.88 -21.86
N ALA C 243 1.90 17.61 -20.59
CA ALA C 243 1.00 18.47 -19.82
C ALA C 243 1.43 19.93 -19.85
N VAL C 244 0.63 20.75 -20.52
CA VAL C 244 0.89 22.18 -20.63
C VAL C 244 0.21 22.86 -19.45
N ASP C 245 -1.11 22.90 -19.50
CA ASP C 245 -1.91 23.50 -18.43
C ASP C 245 -3.00 22.51 -18.06
N PRO C 246 -2.68 21.59 -17.15
CA PRO C 246 -3.57 20.54 -16.64
C PRO C 246 -4.92 20.98 -16.09
N VAL C 247 -5.16 22.28 -15.99
CA VAL C 247 -6.45 22.76 -15.47
C VAL C 247 -7.58 22.52 -16.46
N GLY C 248 -8.70 22.00 -15.95
CA GLY C 248 -9.86 21.74 -16.78
C GLY C 248 -9.89 20.38 -17.45
N ALA C 249 -8.81 19.62 -17.28
CA ALA C 249 -8.72 18.28 -17.89
C ALA C 249 -9.70 17.27 -17.29
N GLY C 250 -9.89 17.34 -15.97
CA GLY C 250 -10.82 16.43 -15.32
C GLY C 250 -12.24 16.64 -15.79
N ASP C 251 -12.59 17.90 -16.04
CA ASP C 251 -13.92 18.28 -16.50
C ASP C 251 -14.08 17.78 -17.93
N ALA C 252 -13.00 17.90 -18.70
CA ALA C 252 -12.98 17.46 -20.09
C ALA C 252 -13.10 15.94 -20.13
N PHE C 253 -12.48 15.30 -19.14
CA PHE C 253 -12.51 13.85 -19.02
C PHE C 253 -13.97 13.40 -18.83
N ALA C 254 -14.65 14.04 -17.88
CA ALA C 254 -16.04 13.73 -17.58
C ALA C 254 -16.90 13.87 -18.83
N ALA C 255 -16.73 14.98 -19.54
CA ALA C 255 -17.48 15.27 -20.75
C ALA C 255 -17.33 14.16 -21.80
N GLY C 256 -16.11 13.63 -21.93
CA GLY C 256 -15.86 12.58 -22.89
C GLY C 256 -16.59 11.30 -22.53
N TYR C 257 -16.64 10.99 -21.24
CA TYR C 257 -17.32 9.80 -20.77
C TYR C 257 -18.81 9.95 -20.99
N LEU C 258 -19.37 11.08 -20.56
CA LEU C 258 -20.79 11.34 -20.72
C LEU C 258 -21.22 11.22 -22.17
N ALA C 259 -20.44 11.82 -23.07
CA ALA C 259 -20.76 11.74 -24.49
C ALA C 259 -20.82 10.27 -24.88
N GLY C 260 -19.84 9.50 -24.43
CA GLY C 260 -19.79 8.08 -24.74
C GLY C 260 -21.01 7.38 -24.23
N ALA C 261 -21.44 7.76 -23.03
CA ALA C 261 -22.62 7.17 -22.41
C ALA C 261 -23.84 7.59 -23.22
N VAL C 262 -23.96 8.88 -23.45
CA VAL C 262 -25.07 9.41 -24.22
C VAL C 262 -25.22 8.67 -25.54
N TRP C 263 -24.08 8.30 -26.12
CA TRP C 263 -24.07 7.58 -27.39
C TRP C 263 -24.17 6.07 -27.18
N GLY C 264 -24.41 5.66 -25.94
CA GLY C 264 -24.52 4.24 -25.62
C GLY C 264 -23.31 3.46 -26.09
N LEU C 265 -22.12 3.96 -25.74
CA LEU C 265 -20.87 3.32 -26.12
C LEU C 265 -20.37 2.35 -25.07
N PRO C 266 -19.64 1.30 -25.49
CA PRO C 266 -19.09 0.31 -24.56
C PRO C 266 -18.20 1.04 -23.57
N VAL C 267 -17.99 0.44 -22.41
CA VAL C 267 -17.16 1.05 -21.37
C VAL C 267 -15.76 1.32 -21.90
N GLU C 268 -15.30 0.46 -22.82
CA GLU C 268 -13.98 0.61 -23.41
C GLU C 268 -13.90 1.90 -24.20
N GLU C 269 -14.95 2.16 -24.97
CA GLU C 269 -15.03 3.35 -25.81
C GLU C 269 -15.33 4.61 -25.00
N ARG C 270 -16.03 4.45 -23.88
CA ARG C 270 -16.35 5.59 -23.03
C ARG C 270 -15.08 6.07 -22.35
N LEU C 271 -14.25 5.14 -21.90
CA LEU C 271 -12.98 5.49 -21.24
C LEU C 271 -12.04 6.08 -22.29
N ARG C 272 -11.99 5.47 -23.46
CA ARG C 272 -11.14 5.93 -24.55
C ARG C 272 -11.46 7.40 -24.85
N LEU C 273 -12.75 7.66 -25.04
CA LEU C 273 -13.24 9.01 -25.35
C LEU C 273 -12.85 9.98 -24.24
N ALA C 274 -13.13 9.60 -23.00
CA ALA C 274 -12.82 10.44 -21.85
C ALA C 274 -11.34 10.80 -21.76
N ASN C 275 -10.48 9.79 -21.82
CA ASN C 275 -9.03 10.03 -21.73
C ASN C 275 -8.57 10.91 -22.89
N LEU C 276 -9.27 10.84 -24.02
CA LEU C 276 -8.93 11.62 -25.21
C LEU C 276 -9.15 13.11 -24.96
N LEU C 277 -10.31 13.45 -24.37
CA LEU C 277 -10.63 14.83 -24.08
C LEU C 277 -9.74 15.37 -22.98
N GLY C 278 -9.50 14.56 -21.96
CA GLY C 278 -8.66 14.99 -20.85
C GLY C 278 -7.25 15.33 -21.30
N ALA C 279 -6.74 14.53 -22.22
CA ALA C 279 -5.40 14.74 -22.75
C ALA C 279 -5.31 16.02 -23.58
N SER C 280 -6.28 16.22 -24.47
CA SER C 280 -6.31 17.40 -25.32
C SER C 280 -6.35 18.71 -24.54
N VAL C 281 -7.19 18.78 -23.51
CA VAL C 281 -7.27 20.00 -22.71
C VAL C 281 -6.04 20.15 -21.84
N ALA C 282 -5.49 19.02 -21.42
CA ALA C 282 -4.29 19.02 -20.58
C ALA C 282 -3.11 19.59 -21.38
N ALA C 283 -3.07 19.24 -22.67
CA ALA C 283 -2.01 19.69 -23.55
C ALA C 283 -2.25 21.08 -24.16
N SER C 284 -3.17 21.84 -23.57
CA SER C 284 -3.47 23.19 -24.07
C SER C 284 -3.75 24.14 -22.92
N ARG C 285 -3.51 25.43 -23.15
CA ARG C 285 -3.76 26.43 -22.12
C ARG C 285 -5.24 26.80 -22.04
N GLY C 286 -5.62 27.44 -20.94
CA GLY C 286 -7.01 27.83 -20.75
C GLY C 286 -7.72 26.73 -19.99
N ASP C 287 -8.98 26.98 -19.63
CA ASP C 287 -9.75 25.99 -18.89
C ASP C 287 -10.34 24.86 -19.73
N HIS C 288 -10.77 25.18 -20.96
CA HIS C 288 -11.36 24.18 -21.85
C HIS C 288 -11.02 24.45 -23.31
N GLU C 289 -9.99 25.26 -23.55
CA GLU C 289 -9.65 25.61 -24.92
C GLU C 289 -9.18 24.45 -25.79
N GLY C 290 -8.67 23.39 -25.18
CA GLY C 290 -8.20 22.24 -25.95
C GLY C 290 -9.25 21.23 -26.36
N ALA C 291 -10.46 21.35 -25.81
CA ALA C 291 -11.55 20.43 -26.13
C ALA C 291 -11.73 20.24 -27.63
N PRO C 292 -11.71 19.00 -28.10
CA PRO C 292 -11.86 18.69 -29.52
C PRO C 292 -13.30 18.76 -30.01
N TYR C 293 -13.46 18.77 -31.33
CA TYR C 293 -14.77 18.83 -31.96
C TYR C 293 -15.15 17.46 -32.50
N ARG C 294 -16.42 17.29 -32.84
CA ARG C 294 -16.92 16.03 -33.38
C ARG C 294 -16.06 15.62 -34.57
N GLU C 295 -15.89 16.56 -35.50
CA GLU C 295 -15.10 16.37 -36.70
C GLU C 295 -13.70 15.82 -36.45
N ASP C 296 -13.14 16.07 -35.27
CA ASP C 296 -11.80 15.60 -34.95
C ASP C 296 -11.82 14.11 -34.65
N LEU C 297 -12.86 13.66 -33.95
CA LEU C 297 -13.00 12.25 -33.61
C LEU C 297 -13.25 11.48 -34.89
N GLU C 298 -14.18 11.98 -35.70
CA GLU C 298 -14.51 11.33 -36.97
C GLU C 298 -13.25 11.07 -37.77
N VAL C 299 -12.34 12.04 -37.77
CA VAL C 299 -11.08 11.94 -38.50
C VAL C 299 -10.08 10.96 -37.83
N LEU C 300 -9.98 11.00 -36.50
CA LEU C 300 -9.05 10.12 -35.79
C LEU C 300 -9.65 8.75 -35.89
N LEU C 301 -9.89 8.41 -37.04
N MET D 1 15.08 61.31 7.60
CA MET D 1 13.91 62.13 7.98
C MET D 1 12.94 62.32 6.82
N LEU D 2 11.76 61.71 6.93
CA LEU D 2 10.74 61.81 5.89
C LEU D 2 10.21 63.23 5.72
N GLU D 3 9.80 63.55 4.50
CA GLU D 3 9.25 64.85 4.20
C GLU D 3 7.74 64.70 4.05
N VAL D 4 7.32 63.66 3.35
CA VAL D 4 5.90 63.40 3.13
C VAL D 4 5.51 61.98 3.48
N VAL D 5 4.31 61.82 4.04
CA VAL D 5 3.79 60.53 4.41
C VAL D 5 2.35 60.39 3.94
N THR D 6 2.07 59.33 3.18
CA THR D 6 0.73 59.09 2.67
C THR D 6 0.24 57.73 3.15
N ALA D 7 -1.07 57.51 3.06
CA ALA D 7 -1.67 56.26 3.50
C ALA D 7 -2.98 55.95 2.79
N GLY D 8 -3.27 54.66 2.63
CA GLY D 8 -4.50 54.26 1.97
C GLY D 8 -4.46 52.81 1.56
N GLU D 9 -5.37 52.43 0.66
CA GLU D 9 -5.43 51.07 0.18
C GLU D 9 -4.80 50.92 -1.20
N PRO D 10 -3.78 50.05 -1.31
CA PRO D 10 -3.14 49.84 -2.61
C PRO D 10 -4.03 48.95 -3.45
N LEU D 11 -3.95 49.09 -4.78
CA LEU D 11 -4.76 48.27 -5.67
C LEU D 11 -3.99 47.86 -6.91
N VAL D 12 -4.41 46.77 -7.53
CA VAL D 12 -3.77 46.32 -8.75
C VAL D 12 -4.75 46.60 -9.88
N ALA D 13 -4.25 47.26 -10.91
CA ALA D 13 -5.09 47.62 -12.04
C ALA D 13 -4.90 46.69 -13.23
N LEU D 14 -6.01 46.18 -13.74
CA LEU D 14 -5.99 45.32 -14.92
C LEU D 14 -6.59 46.13 -16.05
N VAL D 15 -5.75 46.42 -17.04
CA VAL D 15 -6.14 47.24 -18.18
C VAL D 15 -5.89 46.59 -19.54
N PRO D 16 -6.86 46.71 -20.47
CA PRO D 16 -6.67 46.12 -21.80
C PRO D 16 -5.60 46.91 -22.56
N GLN D 17 -5.01 46.27 -23.57
CA GLN D 17 -3.96 46.88 -24.37
C GLN D 17 -4.46 48.06 -25.20
N GLU D 18 -5.73 48.03 -25.57
CA GLU D 18 -6.30 49.09 -26.39
C GLU D 18 -7.74 49.39 -25.97
N PRO D 19 -8.35 50.42 -26.58
CA PRO D 19 -9.72 50.75 -26.25
C PRO D 19 -10.66 49.59 -26.58
N GLY D 20 -11.90 49.68 -26.14
CA GLY D 20 -12.86 48.62 -26.42
C GLY D 20 -13.43 47.96 -25.17
N HIS D 21 -14.63 47.42 -25.32
CA HIS D 21 -15.32 46.74 -24.24
C HIS D 21 -14.50 45.62 -23.68
N LEU D 22 -14.47 45.52 -22.36
CA LEU D 22 -13.71 44.48 -21.67
C LEU D 22 -14.06 43.08 -22.14
N ARG D 23 -15.36 42.81 -22.30
CA ARG D 23 -15.88 41.51 -22.73
C ARG D 23 -15.15 40.94 -23.95
N GLY D 24 -14.58 41.81 -24.76
CA GLY D 24 -13.91 41.34 -25.97
C GLY D 24 -12.41 41.21 -25.87
N LYS D 25 -11.83 41.55 -24.72
CA LYS D 25 -10.39 41.47 -24.55
C LYS D 25 -9.93 40.06 -24.17
N ARG D 26 -8.74 39.68 -24.66
CA ARG D 26 -8.16 38.37 -24.41
C ARG D 26 -6.90 38.46 -23.55
N LEU D 27 -6.37 39.68 -23.42
CA LEU D 27 -5.17 39.92 -22.61
C LEU D 27 -5.28 41.23 -21.87
N LEU D 28 -4.75 41.26 -20.66
CA LEU D 28 -4.79 42.46 -19.85
C LEU D 28 -3.45 42.81 -19.22
N GLU D 29 -3.18 44.10 -19.13
CA GLU D 29 -1.95 44.58 -18.54
C GLU D 29 -2.14 44.77 -17.05
N VAL D 30 -1.13 44.36 -16.28
CA VAL D 30 -1.21 44.48 -14.84
C VAL D 30 -0.42 45.67 -14.34
N TYR D 31 -1.08 46.50 -13.56
CA TYR D 31 -0.46 47.70 -13.02
C TYR D 31 -0.72 47.83 -11.53
N VAL D 32 0.16 48.54 -10.86
CA VAL D 32 0.03 48.76 -9.42
C VAL D 32 -0.59 50.14 -9.25
N GLY D 33 -1.80 50.17 -8.70
CA GLY D 33 -2.49 51.42 -8.50
C GLY D 33 -2.78 51.78 -7.05
N GLY D 34 -3.75 52.67 -6.85
CA GLY D 34 -4.10 53.12 -5.53
C GLY D 34 -3.71 54.59 -5.44
N ALA D 35 -4.70 55.46 -5.34
CA ALA D 35 -4.47 56.90 -5.27
C ALA D 35 -3.20 57.31 -4.54
N GLU D 36 -3.16 57.09 -3.23
CA GLU D 36 -2.01 57.45 -2.41
C GLU D 36 -0.74 56.72 -2.81
N VAL D 37 -0.88 55.55 -3.44
CA VAL D 37 0.29 54.80 -3.87
C VAL D 37 0.89 55.53 -5.07
N ASN D 38 0.02 56.04 -5.94
CA ASN D 38 0.45 56.78 -7.11
C ASN D 38 1.24 58.01 -6.66
N VAL D 39 0.70 58.71 -5.66
CA VAL D 39 1.33 59.90 -5.12
C VAL D 39 2.66 59.57 -4.48
N ALA D 40 2.69 58.47 -3.73
CA ALA D 40 3.90 58.03 -3.05
C ALA D 40 5.05 57.81 -4.05
N VAL D 41 4.78 57.03 -5.09
CA VAL D 41 5.78 56.75 -6.11
C VAL D 41 6.22 58.00 -6.85
N ALA D 42 5.25 58.80 -7.29
CA ALA D 42 5.53 60.03 -8.02
C ALA D 42 6.50 60.94 -7.26
N LEU D 43 6.31 61.04 -5.94
CA LEU D 43 7.14 61.86 -5.06
C LEU D 43 8.53 61.26 -4.91
N ALA D 44 8.58 59.94 -4.73
CA ALA D 44 9.85 59.23 -4.58
C ALA D 44 10.70 59.41 -5.83
N ARG D 45 10.07 59.29 -7.00
CA ARG D 45 10.78 59.44 -8.26
C ARG D 45 11.36 60.84 -8.40
N LEU D 46 10.78 61.81 -7.71
CA LEU D 46 11.27 63.18 -7.75
C LEU D 46 12.30 63.46 -6.67
N GLY D 47 12.64 62.42 -5.91
CA GLY D 47 13.63 62.57 -4.86
C GLY D 47 13.06 62.98 -3.52
N VAL D 48 11.74 63.10 -3.43
CA VAL D 48 11.14 63.49 -2.16
C VAL D 48 11.11 62.29 -1.22
N LYS D 49 11.53 62.51 0.02
CA LYS D 49 11.55 61.44 1.02
C LYS D 49 10.10 61.20 1.42
N VAL D 50 9.56 60.05 1.03
CA VAL D 50 8.18 59.74 1.35
C VAL D 50 8.01 58.33 1.88
N GLY D 51 7.01 58.16 2.74
CA GLY D 51 6.73 56.85 3.29
C GLY D 51 5.28 56.53 2.96
N PHE D 52 4.96 55.24 2.87
CA PHE D 52 3.58 54.83 2.58
C PHE D 52 3.05 53.91 3.68
N VAL D 53 1.89 54.28 4.21
CA VAL D 53 1.24 53.50 5.26
C VAL D 53 0.07 52.69 4.69
N GLY D 54 0.10 51.37 4.85
CA GLY D 54 -0.97 50.56 4.33
C GLY D 54 -0.71 49.08 4.44
N ARG D 55 -1.73 48.29 4.08
CA ARG D 55 -1.64 46.83 4.12
C ARG D 55 -2.07 46.24 2.79
N VAL D 56 -1.61 45.01 2.54
CA VAL D 56 -1.96 44.28 1.33
C VAL D 56 -2.18 42.85 1.79
N GLY D 57 -2.72 42.01 0.92
CA GLY D 57 -2.94 40.63 1.31
C GLY D 57 -1.66 39.84 1.23
N GLU D 58 -1.66 38.65 1.83
CA GLU D 58 -0.50 37.76 1.80
C GLU D 58 -0.54 36.91 0.53
N ASP D 59 -0.79 37.57 -0.60
CA ASP D 59 -0.85 36.88 -1.88
C ASP D 59 0.20 37.45 -2.85
N GLU D 60 0.16 36.98 -4.09
CA GLU D 60 1.10 37.40 -5.12
C GLU D 60 0.94 38.86 -5.54
N LEU D 61 -0.29 39.34 -5.55
CA LEU D 61 -0.55 40.73 -5.93
C LEU D 61 -0.06 41.67 -4.84
N GLY D 62 -0.24 41.25 -3.59
CA GLY D 62 0.21 42.08 -2.49
C GLY D 62 1.72 42.17 -2.55
N ALA D 63 2.37 41.07 -2.90
CA ALA D 63 3.82 41.02 -3.00
C ALA D 63 4.27 41.95 -4.12
N MET D 64 3.56 41.87 -5.25
CA MET D 64 3.86 42.70 -6.40
C MET D 64 3.85 44.18 -6.01
N VAL D 65 2.85 44.57 -5.22
CA VAL D 65 2.71 45.95 -4.77
C VAL D 65 3.93 46.33 -3.91
N GLU D 66 4.31 45.44 -3.00
CA GLU D 66 5.44 45.68 -2.11
C GLU D 66 6.74 45.90 -2.87
N GLU D 67 6.98 45.10 -3.90
CA GLU D 67 8.20 45.26 -4.70
C GLU D 67 8.25 46.64 -5.33
N ARG D 68 7.19 47.01 -6.03
CA ARG D 68 7.15 48.32 -6.68
C ARG D 68 7.43 49.44 -5.69
N LEU D 69 6.74 49.42 -4.56
CA LEU D 69 6.93 50.43 -3.52
C LEU D 69 8.37 50.47 -3.05
N ARG D 70 8.96 49.29 -2.86
CA ARG D 70 10.32 49.22 -2.40
C ARG D 70 11.31 49.54 -3.52
N ALA D 71 11.03 49.06 -4.73
CA ALA D 71 11.90 49.33 -5.87
C ALA D 71 11.93 50.83 -6.14
N GLU D 72 10.80 51.50 -5.95
CA GLU D 72 10.71 52.93 -6.19
C GLU D 72 11.30 53.77 -5.06
N GLY D 73 11.72 53.10 -3.98
CA GLY D 73 12.32 53.80 -2.86
C GLY D 73 11.37 54.48 -1.90
N VAL D 74 10.18 53.91 -1.70
CA VAL D 74 9.24 54.50 -0.75
C VAL D 74 9.50 53.86 0.60
N ASP D 75 9.32 54.61 1.68
CA ASP D 75 9.55 54.03 3.00
C ASP D 75 8.34 53.21 3.42
N LEU D 76 8.57 51.93 3.65
CA LEU D 76 7.51 51.02 4.04
C LEU D 76 7.66 50.60 5.49
N THR D 77 8.13 51.53 6.32
CA THR D 77 8.31 51.28 7.75
C THR D 77 7.01 50.79 8.37
N HIS D 78 5.89 51.35 7.90
CA HIS D 78 4.60 50.95 8.42
C HIS D 78 3.70 50.34 7.36
N PHE D 79 4.32 49.73 6.36
CA PHE D 79 3.60 49.04 5.30
C PHE D 79 3.92 47.56 5.47
N ARG D 80 2.96 46.70 5.21
CA ARG D 80 3.18 45.28 5.39
C ARG D 80 2.12 44.40 4.74
N ARG D 81 2.52 43.16 4.42
CA ARG D 81 1.63 42.16 3.84
C ARG D 81 0.97 41.47 5.03
N ALA D 82 -0.35 41.61 5.16
CA ALA D 82 -1.06 40.99 6.27
C ALA D 82 -2.06 39.95 5.75
N PRO D 83 -2.60 39.11 6.64
CA PRO D 83 -3.55 38.09 6.19
C PRO D 83 -4.70 38.73 5.40
N GLY D 84 -5.22 37.99 4.44
CA GLY D 84 -6.29 38.52 3.60
C GLY D 84 -5.83 38.62 2.17
N PHE D 85 -6.58 39.35 1.35
CA PHE D 85 -6.19 39.49 -0.06
C PHE D 85 -6.00 40.94 -0.48
N THR D 86 -5.31 41.10 -1.61
CA THR D 86 -5.02 42.41 -2.16
C THR D 86 -6.12 42.76 -3.19
N GLY D 87 -6.73 43.92 -3.02
CA GLY D 87 -7.78 44.34 -3.92
C GLY D 87 -7.30 44.65 -5.32
N LEU D 88 -8.20 44.48 -6.30
CA LEU D 88 -7.87 44.76 -7.69
C LEU D 88 -9.09 45.31 -8.40
N TYR D 89 -8.89 45.83 -9.60
CA TYR D 89 -10.01 46.34 -10.38
C TYR D 89 -9.71 46.24 -11.87
N LEU D 90 -10.77 46.34 -12.66
CA LEU D 90 -10.66 46.21 -14.10
C LEU D 90 -11.16 47.46 -14.82
N ARG D 91 -10.26 48.12 -15.55
CA ARG D 91 -10.59 49.33 -16.31
C ARG D 91 -11.04 48.96 -17.71
N GLU D 92 -11.76 49.86 -18.35
CA GLU D 92 -12.23 49.64 -19.71
C GLU D 92 -12.41 50.98 -20.40
N TYR D 93 -11.64 51.23 -21.45
CA TYR D 93 -11.78 52.49 -22.18
C TYR D 93 -12.39 52.28 -23.54
N LEU D 94 -13.53 52.94 -23.76
CA LEU D 94 -14.26 52.83 -25.03
C LEU D 94 -13.76 53.75 -26.12
N PRO D 95 -13.90 53.32 -27.37
CA PRO D 95 -13.50 54.02 -28.59
C PRO D 95 -13.72 55.52 -28.54
N LEU D 96 -14.87 55.93 -28.04
CA LEU D 96 -15.17 57.34 -27.98
C LEU D 96 -14.93 58.01 -26.63
N GLY D 97 -14.06 57.42 -25.81
CA GLY D 97 -13.72 58.03 -24.53
C GLY D 97 -14.39 57.54 -23.26
N GLN D 98 -15.68 57.22 -23.32
CA GLN D 98 -16.42 56.75 -22.15
C GLN D 98 -15.83 55.48 -21.54
N GLY D 99 -15.36 55.55 -20.31
CA GLY D 99 -14.80 54.37 -19.67
C GLY D 99 -15.70 53.79 -18.59
N ARG D 100 -15.25 52.72 -17.94
CA ARG D 100 -15.98 52.09 -16.86
C ARG D 100 -15.08 51.14 -16.08
N VAL D 101 -15.18 51.23 -14.75
CA VAL D 101 -14.34 50.41 -13.89
C VAL D 101 -15.10 49.39 -13.03
N PHE D 102 -14.51 48.20 -12.89
CA PHE D 102 -15.09 47.11 -12.11
C PHE D 102 -14.15 46.78 -10.95
N TYR D 103 -14.68 46.89 -9.72
CA TYR D 103 -13.86 46.62 -8.55
C TYR D 103 -14.04 45.24 -7.92
N TYR D 104 -12.97 44.80 -7.27
CA TYR D 104 -12.92 43.52 -6.57
C TYR D 104 -12.00 43.82 -5.40
N ARG D 105 -12.51 44.63 -4.47
CA ARG D 105 -11.71 45.04 -3.32
C ARG D 105 -12.44 44.98 -1.99
N LYS D 106 -13.76 44.79 -2.01
CA LYS D 106 -14.51 44.75 -0.77
C LYS D 106 -14.00 43.66 0.17
N GLY D 107 -13.66 44.06 1.39
CA GLY D 107 -13.17 43.14 2.39
C GLY D 107 -11.70 42.79 2.25
N SER D 108 -10.96 43.62 1.51
CA SER D 108 -9.54 43.39 1.27
C SER D 108 -8.72 43.74 2.50
N ALA D 109 -7.48 43.25 2.53
CA ALA D 109 -6.59 43.51 3.65
C ALA D 109 -6.30 44.99 3.78
N GLY D 110 -6.27 45.67 2.65
CA GLY D 110 -5.99 47.10 2.66
C GLY D 110 -7.12 48.00 3.13
N SER D 111 -8.36 47.52 3.04
CA SER D 111 -9.52 48.31 3.47
C SER D 111 -9.73 48.25 4.98
N ALA D 112 -8.81 47.58 5.68
CA ALA D 112 -8.89 47.43 7.13
C ALA D 112 -8.56 48.71 7.90
N LEU D 113 -7.49 49.39 7.48
CA LEU D 113 -7.05 50.64 8.11
C LEU D 113 -7.98 51.21 9.17
N ALA D 114 -7.48 51.27 10.40
CA ALA D 114 -8.24 51.80 11.51
C ALA D 114 -7.30 52.66 12.37
N PRO D 115 -7.84 53.44 13.33
CA PRO D 115 -7.03 54.29 14.20
C PRO D 115 -5.89 53.56 14.91
N GLY D 116 -4.67 54.03 14.67
CA GLY D 116 -3.50 53.40 15.28
C GLY D 116 -2.80 52.44 14.34
N ALA D 117 -3.20 52.45 13.07
CA ALA D 117 -2.61 51.55 12.08
C ALA D 117 -1.09 51.71 11.99
N PHE D 118 -0.58 52.82 12.52
CA PHE D 118 0.86 53.05 12.51
C PHE D 118 1.29 53.91 13.70
N ASP D 119 2.58 53.92 13.95
CA ASP D 119 3.18 54.67 15.05
C ASP D 119 3.21 56.17 14.75
N PRO D 120 2.42 56.97 15.49
CA PRO D 120 2.35 58.42 15.30
C PRO D 120 3.70 59.13 15.27
N ASP D 121 4.65 58.66 16.05
CA ASP D 121 5.97 59.27 16.08
C ASP D 121 6.63 59.19 14.71
N TYR D 122 5.93 58.56 13.78
CA TYR D 122 6.39 58.40 12.39
C TYR D 122 6.26 59.76 11.72
N LEU D 123 5.19 60.48 12.09
CA LEU D 123 4.91 61.80 11.54
C LEU D 123 5.76 62.91 12.16
N GLU D 124 6.75 62.54 12.95
CA GLU D 124 7.61 63.55 13.57
C GLU D 124 8.55 64.20 12.56
N GLY D 125 8.47 65.53 12.45
CA GLY D 125 9.32 66.26 11.54
C GLY D 125 8.88 66.19 10.08
N VAL D 126 7.76 65.53 9.83
CA VAL D 126 7.27 65.41 8.46
C VAL D 126 6.56 66.67 7.97
N ARG D 127 6.87 67.03 6.74
CA ARG D 127 6.33 68.21 6.07
C ARG D 127 4.81 68.13 5.90
N PHE D 128 4.37 67.14 5.14
CA PHE D 128 2.95 66.96 4.89
C PHE D 128 2.49 65.52 5.07
N LEU D 129 1.18 65.38 5.23
CA LEU D 129 0.51 64.08 5.38
C LEU D 129 -0.57 64.10 4.30
N HIS D 130 -0.50 63.19 3.33
CA HIS D 130 -1.50 63.18 2.29
C HIS D 130 -2.48 62.01 2.38
N LEU D 131 -3.75 62.35 2.19
CA LEU D 131 -4.83 61.37 2.21
C LEU D 131 -5.84 61.71 1.13
N SER D 132 -6.54 60.71 0.63
CA SER D 132 -7.56 60.92 -0.40
C SER D 132 -8.94 60.58 0.16
N GLY D 133 -9.96 61.20 -0.41
CA GLY D 133 -11.31 60.96 0.06
C GLY D 133 -11.79 59.54 -0.17
N ILE D 134 -10.96 58.75 -0.83
CA ILE D 134 -11.29 57.38 -1.12
C ILE D 134 -11.14 56.53 0.14
N THR D 135 -10.09 56.79 0.89
CA THR D 135 -9.83 56.04 2.12
C THR D 135 -11.00 56.04 3.11
N PRO D 136 -11.42 57.21 3.62
CA PRO D 136 -12.53 57.25 4.58
C PRO D 136 -13.83 56.64 4.04
N ALA D 137 -14.00 56.68 2.72
CA ALA D 137 -15.19 56.15 2.08
C ALA D 137 -15.26 54.63 2.05
N LEU D 138 -14.14 53.99 2.32
CA LEU D 138 -14.09 52.53 2.30
C LEU D 138 -14.84 51.86 3.44
N SER D 139 -14.55 52.27 4.68
CA SER D 139 -15.20 51.66 5.84
C SER D 139 -15.26 52.63 7.02
N PRO D 140 -16.05 52.28 8.04
CA PRO D 140 -16.19 53.12 9.23
C PRO D 140 -14.84 53.24 9.94
N GLU D 141 -14.05 52.17 9.84
CA GLU D 141 -12.72 52.12 10.43
C GLU D 141 -11.78 53.05 9.69
N ALA D 142 -11.81 52.98 8.37
CA ALA D 142 -10.96 53.82 7.53
C ALA D 142 -11.29 55.30 7.70
N ARG D 143 -12.58 55.63 7.80
CA ARG D 143 -12.99 57.02 7.98
C ARG D 143 -12.49 57.52 9.34
N ALA D 144 -12.57 56.66 10.35
CA ALA D 144 -12.12 57.01 11.69
C ALA D 144 -10.61 57.19 11.68
N PHE D 145 -9.93 56.26 11.01
CA PHE D 145 -8.47 56.30 10.88
C PHE D 145 -8.07 57.63 10.26
N SER D 146 -8.66 57.96 9.11
CA SER D 146 -8.37 59.19 8.40
C SER D 146 -8.43 60.40 9.33
N LEU D 147 -9.54 60.53 10.03
CA LEU D 147 -9.73 61.61 10.98
C LEU D 147 -8.64 61.55 12.04
N TRP D 148 -8.40 60.35 12.56
CA TRP D 148 -7.37 60.14 13.57
C TRP D 148 -5.99 60.56 13.05
N ALA D 149 -5.67 60.10 11.85
CA ALA D 149 -4.39 60.40 11.22
C ALA D 149 -4.09 61.89 11.15
N MET D 150 -4.98 62.66 10.51
CA MET D 150 -4.75 64.09 10.37
C MET D 150 -4.78 64.86 11.68
N GLU D 151 -5.23 64.20 12.74
CA GLU D 151 -5.30 64.81 14.05
C GLU D 151 -3.94 64.67 14.73
N GLU D 152 -3.30 63.52 14.54
CA GLU D 152 -1.99 63.27 15.11
C GLU D 152 -0.95 64.08 14.35
N ALA D 153 -1.25 64.40 13.10
CA ALA D 153 -0.36 65.17 12.25
C ALA D 153 -0.36 66.62 12.70
N LYS D 154 -1.56 67.18 12.83
CA LYS D 154 -1.66 68.56 13.24
C LYS D 154 -1.05 68.76 14.62
N ARG D 155 -1.17 67.75 15.48
CA ARG D 155 -0.60 67.84 16.82
C ARG D 155 0.93 67.77 16.77
N ARG D 156 1.47 67.33 15.63
CA ARG D 156 2.92 67.25 15.47
C ARG D 156 3.39 68.33 14.51
N GLY D 157 2.51 69.29 14.24
CA GLY D 157 2.85 70.38 13.35
C GLY D 157 3.01 69.92 11.92
N VAL D 158 2.26 68.88 11.55
CA VAL D 158 2.31 68.33 10.20
C VAL D 158 1.11 68.82 9.40
N ARG D 159 1.37 69.56 8.34
CA ARG D 159 0.34 70.10 7.47
C ARG D 159 -0.45 68.94 6.87
N VAL D 160 -1.75 69.09 6.73
CA VAL D 160 -2.58 68.04 6.17
C VAL D 160 -2.99 68.35 4.74
N SER D 161 -2.67 67.45 3.83
CA SER D 161 -3.00 67.58 2.42
C SER D 161 -4.12 66.59 2.08
N LEU D 162 -5.19 67.08 1.46
CA LEU D 162 -6.31 66.22 1.12
C LEU D 162 -6.79 66.38 -0.32
N ASP D 163 -6.99 65.25 -0.99
CA ASP D 163 -7.47 65.24 -2.36
C ASP D 163 -8.88 64.63 -2.25
N VAL D 164 -9.89 65.49 -2.33
CA VAL D 164 -11.28 65.08 -2.26
C VAL D 164 -11.49 63.71 -2.90
N ASN D 165 -11.14 63.61 -4.18
CA ASN D 165 -11.26 62.35 -4.92
C ASN D 165 -12.57 61.65 -4.58
N TYR D 166 -13.69 62.31 -4.86
CA TYR D 166 -15.00 61.73 -4.56
C TYR D 166 -15.35 60.55 -5.47
N ARG D 167 -15.76 59.45 -4.87
CA ARG D 167 -16.15 58.26 -5.61
C ARG D 167 -17.63 57.95 -5.36
N GLN D 168 -18.43 58.03 -6.42
CA GLN D 168 -19.86 57.75 -6.31
C GLN D 168 -20.08 56.32 -5.87
N THR D 169 -19.13 55.46 -6.21
CA THR D 169 -19.21 54.05 -5.88
C THR D 169 -19.09 53.80 -4.37
N LEU D 170 -18.22 54.56 -3.69
CA LEU D 170 -18.01 54.40 -2.25
C LEU D 170 -19.11 54.98 -1.36
N TRP D 171 -19.45 56.26 -1.56
CA TRP D 171 -20.49 56.89 -0.77
C TRP D 171 -21.25 57.98 -1.51
N SER D 172 -22.38 58.40 -0.92
CA SER D 172 -23.23 59.43 -1.51
C SER D 172 -22.69 60.85 -1.26
N PRO D 173 -23.14 61.81 -2.09
CA PRO D 173 -22.70 63.21 -1.97
C PRO D 173 -22.85 63.75 -0.56
N GLU D 174 -23.92 63.36 0.11
CA GLU D 174 -24.18 63.81 1.47
C GLU D 174 -23.15 63.25 2.43
N GLU D 175 -22.91 61.94 2.34
CA GLU D 175 -21.95 61.29 3.22
C GLU D 175 -20.58 61.90 3.01
N ALA D 176 -20.29 62.30 1.76
CA ALA D 176 -19.03 62.92 1.41
C ALA D 176 -18.95 64.31 2.05
N ARG D 177 -20.02 65.09 1.91
CA ARG D 177 -20.08 66.42 2.48
C ARG D 177 -20.02 66.30 3.99
N GLY D 178 -20.72 65.30 4.53
CA GLY D 178 -20.72 65.08 5.96
C GLY D 178 -19.31 64.90 6.47
N PHE D 179 -18.51 64.18 5.70
CA PHE D 179 -17.11 63.93 6.05
C PHE D 179 -16.33 65.23 5.98
N LEU D 180 -16.29 65.82 4.79
CA LEU D 180 -15.60 67.08 4.55
C LEU D 180 -15.94 68.11 5.61
N GLU D 181 -17.24 68.26 5.84
CA GLU D 181 -17.76 69.20 6.82
C GLU D 181 -17.12 68.96 8.19
N ARG D 182 -16.75 67.72 8.46
CA ARG D 182 -16.13 67.36 9.73
C ARG D 182 -14.60 67.41 9.68
N ALA D 183 -14.02 67.00 8.57
CA ALA D 183 -12.57 66.97 8.40
C ALA D 183 -11.95 68.32 8.03
N LEU D 184 -12.66 69.09 7.21
CA LEU D 184 -12.20 70.40 6.74
C LEU D 184 -11.31 71.20 7.70
N PRO D 185 -11.73 71.34 8.97
CA PRO D 185 -10.96 72.08 9.97
C PRO D 185 -9.46 71.75 10.06
N GLY D 186 -9.12 70.47 9.94
CA GLY D 186 -7.73 70.07 10.03
C GLY D 186 -6.96 70.03 8.72
N VAL D 187 -7.63 70.43 7.64
CA VAL D 187 -7.05 70.43 6.31
C VAL D 187 -6.25 71.71 6.06
N ASP D 188 -5.04 71.56 5.52
CA ASP D 188 -4.15 72.68 5.21
C ASP D 188 -4.13 72.97 3.72
N LEU D 189 -4.08 71.89 2.94
CA LEU D 189 -4.06 71.97 1.49
C LEU D 189 -5.14 71.04 0.94
N LEU D 190 -6.04 71.60 0.14
CA LEU D 190 -7.11 70.79 -0.43
C LEU D 190 -7.10 70.73 -1.95
N PHE D 191 -7.18 69.51 -2.48
CA PHE D 191 -7.21 69.30 -3.92
C PHE D 191 -8.64 68.93 -4.32
N LEU D 192 -9.17 69.68 -5.28
CA LEU D 192 -10.54 69.49 -5.71
C LEU D 192 -10.68 69.67 -7.22
N SER D 193 -11.53 68.84 -7.84
CA SER D 193 -11.77 68.91 -9.27
C SER D 193 -13.09 69.65 -9.51
N GLU D 194 -13.25 70.22 -10.70
CA GLU D 194 -14.47 70.94 -11.05
C GLU D 194 -15.73 70.09 -10.90
N GLU D 195 -15.72 68.90 -11.49
CA GLU D 195 -16.85 67.98 -11.43
C GLU D 195 -17.28 67.74 -9.99
N GLU D 196 -16.30 67.37 -9.17
CA GLU D 196 -16.53 67.09 -7.77
C GLU D 196 -17.26 68.22 -7.04
N ALA D 197 -16.71 69.43 -7.11
CA ALA D 197 -17.32 70.58 -6.44
C ALA D 197 -18.76 70.76 -6.92
N GLU D 198 -18.96 70.59 -8.22
CA GLU D 198 -20.26 70.71 -8.85
C GLU D 198 -21.21 69.61 -8.38
N LEU D 199 -20.68 68.39 -8.30
CA LEU D 199 -21.46 67.23 -7.89
C LEU D 199 -21.74 67.22 -6.39
N LEU D 200 -21.06 68.06 -5.62
CA LEU D 200 -21.25 68.09 -4.18
C LEU D 200 -21.77 69.41 -3.62
N PHE D 201 -21.51 70.50 -4.32
CA PHE D 201 -21.98 71.80 -3.85
C PHE D 201 -22.73 72.60 -4.91
N GLY D 202 -23.27 71.90 -5.90
CA GLY D 202 -24.01 72.55 -6.96
C GLY D 202 -23.16 73.23 -8.01
N ARG D 203 -22.38 74.22 -7.59
CA ARG D 203 -21.53 74.95 -8.52
C ARG D 203 -20.15 75.19 -7.90
N VAL D 204 -19.13 75.16 -8.74
CA VAL D 204 -17.76 75.37 -8.31
C VAL D 204 -17.62 76.55 -7.34
N GLU D 205 -18.51 77.53 -7.45
CA GLU D 205 -18.45 78.70 -6.60
C GLU D 205 -18.72 78.38 -5.12
N GLU D 206 -19.91 77.89 -4.82
CA GLU D 206 -20.27 77.56 -3.43
C GLU D 206 -19.22 76.65 -2.79
N ALA D 207 -18.87 75.57 -3.49
CA ALA D 207 -17.89 74.62 -2.98
C ALA D 207 -16.66 75.34 -2.43
N LEU D 208 -16.13 76.28 -3.20
CA LEU D 208 -14.94 77.02 -2.80
C LEU D 208 -15.18 77.83 -1.53
N ARG D 209 -16.39 78.34 -1.37
CA ARG D 209 -16.73 79.15 -0.20
C ARG D 209 -16.92 78.26 1.02
N ALA D 210 -17.61 77.14 0.81
CA ALA D 210 -17.87 76.18 1.88
C ALA D 210 -16.59 75.49 2.34
N LEU D 211 -15.82 74.99 1.36
CA LEU D 211 -14.57 74.31 1.64
C LEU D 211 -13.40 75.27 1.59
N SER D 212 -13.48 76.35 2.37
CA SER D 212 -12.42 77.34 2.38
C SER D 212 -11.26 76.93 3.29
N ALA D 213 -10.26 76.27 2.70
CA ALA D 213 -9.08 75.83 3.43
C ALA D 213 -7.95 76.80 3.11
N PRO D 214 -6.90 76.85 3.96
CA PRO D 214 -5.76 77.76 3.73
C PRO D 214 -5.32 77.83 2.28
N GLU D 215 -5.23 76.68 1.63
CA GLU D 215 -4.79 76.59 0.25
C GLU D 215 -5.62 75.54 -0.50
N VAL D 216 -6.45 75.98 -1.45
CA VAL D 216 -7.28 75.08 -2.24
C VAL D 216 -6.80 75.08 -3.68
N VAL D 217 -6.78 73.90 -4.30
CA VAL D 217 -6.33 73.76 -5.68
C VAL D 217 -7.44 73.12 -6.52
N LEU D 218 -8.00 73.90 -7.43
CA LEU D 218 -9.08 73.45 -8.30
C LEU D 218 -8.57 72.94 -9.65
N LYS D 219 -8.57 71.61 -9.81
CA LYS D 219 -8.12 71.00 -11.07
C LYS D 219 -9.21 71.18 -12.11
N ARG D 220 -8.85 71.79 -13.24
CA ARG D 220 -9.83 72.03 -14.29
C ARG D 220 -9.57 71.19 -15.54
N GLY D 221 -9.12 69.96 -15.32
CA GLY D 221 -8.84 69.07 -16.44
C GLY D 221 -7.70 69.64 -17.24
N ALA D 222 -7.94 69.87 -18.53
CA ALA D 222 -6.91 70.43 -19.39
C ALA D 222 -6.88 71.95 -19.27
N LYS D 223 -7.98 72.51 -18.76
CA LYS D 223 -8.09 73.96 -18.58
C LYS D 223 -7.11 74.42 -17.49
N GLY D 224 -6.12 73.57 -17.20
CA GLY D 224 -5.12 73.88 -16.19
C GLY D 224 -5.57 73.58 -14.78
N ALA D 225 -5.58 74.60 -13.94
CA ALA D 225 -5.98 74.48 -12.54
C ALA D 225 -5.70 75.80 -11.82
N TRP D 226 -6.57 76.19 -10.91
CA TRP D 226 -6.39 77.45 -10.18
C TRP D 226 -5.88 77.20 -8.76
N ALA D 227 -5.02 78.09 -8.28
CA ALA D 227 -4.49 77.98 -6.93
C ALA D 227 -4.98 79.16 -6.09
N PHE D 228 -5.77 78.86 -5.07
CA PHE D 228 -6.30 79.88 -4.18
C PHE D 228 -5.51 79.84 -2.88
N VAL D 229 -4.53 80.74 -2.76
CA VAL D 229 -3.68 80.78 -1.58
C VAL D 229 -4.08 81.91 -0.62
N ASP D 230 -3.36 83.03 -0.70
CA ASP D 230 -3.63 84.17 0.16
C ASP D 230 -4.69 85.07 -0.45
N GLY D 231 -5.91 84.54 -0.58
CA GLY D 231 -6.99 85.31 -1.17
C GLY D 231 -6.69 85.51 -2.64
N ARG D 232 -5.41 85.32 -2.97
CA ARG D 232 -4.92 85.45 -4.32
C ARG D 232 -5.44 84.25 -5.10
N ARG D 233 -5.64 84.42 -6.40
CA ARG D 233 -6.13 83.35 -7.25
C ARG D 233 -5.19 83.15 -8.42
N VAL D 234 -4.15 82.34 -8.21
CA VAL D 234 -3.18 82.08 -9.27
C VAL D 234 -3.72 81.03 -10.22
N GLU D 235 -3.46 81.22 -11.51
CA GLU D 235 -3.91 80.25 -12.51
C GLU D 235 -2.74 79.53 -13.16
N GLY D 236 -2.97 78.28 -13.54
CA GLY D 236 -1.94 77.49 -14.18
C GLY D 236 -2.52 76.76 -15.38
N SER D 237 -1.75 76.67 -16.46
CA SER D 237 -2.21 76.02 -17.67
C SER D 237 -1.62 74.62 -17.88
N ALA D 238 -2.47 73.68 -18.28
CA ALA D 238 -2.04 72.30 -18.52
C ALA D 238 -1.21 72.20 -19.79
N PHE D 239 -0.38 71.16 -19.87
CA PHE D 239 0.47 70.96 -21.04
C PHE D 239 -0.22 70.20 -22.16
N ALA D 240 -0.19 70.77 -23.35
CA ALA D 240 -0.82 70.17 -24.53
C ALA D 240 -0.31 68.75 -24.79
N VAL D 241 -1.16 67.77 -24.54
CA VAL D 241 -0.80 66.37 -24.75
C VAL D 241 -2.01 65.54 -25.15
N GLU D 242 -1.74 64.37 -25.71
CA GLU D 242 -2.78 63.46 -26.16
C GLU D 242 -3.11 62.45 -25.05
N ALA D 243 -4.19 62.71 -24.32
CA ALA D 243 -4.62 61.82 -23.24
C ALA D 243 -4.72 60.37 -23.66
N VAL D 244 -3.82 59.55 -23.12
CA VAL D 244 -3.78 58.12 -23.43
C VAL D 244 -4.69 57.41 -22.43
N ASP D 245 -4.23 57.36 -21.18
CA ASP D 245 -4.99 56.73 -20.12
C ASP D 245 -4.98 57.69 -18.93
N PRO D 246 -5.95 58.61 -18.91
CA PRO D 246 -6.18 59.64 -17.90
C PRO D 246 -6.22 59.20 -16.44
N VAL D 247 -6.22 57.89 -16.20
CA VAL D 247 -6.28 57.39 -14.84
C VAL D 247 -4.97 57.63 -14.07
N GLY D 248 -5.09 58.13 -12.84
CA GLY D 248 -3.93 58.39 -12.01
C GLY D 248 -3.32 59.77 -12.20
N ALA D 249 -3.83 60.54 -13.15
CA ALA D 249 -3.32 61.87 -13.43
C ALA D 249 -3.56 62.87 -12.29
N GLY D 250 -4.74 62.78 -11.66
CA GLY D 250 -5.05 63.69 -10.58
C GLY D 250 -4.14 63.47 -9.38
N ASP D 251 -3.78 62.22 -9.13
CA ASP D 251 -2.90 61.89 -8.02
C ASP D 251 -1.48 62.35 -8.34
N ALA D 252 -1.12 62.27 -9.62
CA ALA D 252 0.20 62.70 -10.07
C ALA D 252 0.27 64.22 -9.97
N PHE D 253 -0.86 64.88 -10.22
CA PHE D 253 -0.93 66.33 -10.14
C PHE D 253 -0.67 66.74 -8.70
N ALA D 254 -1.35 66.08 -7.76
CA ALA D 254 -1.20 66.38 -6.35
C ALA D 254 0.27 66.23 -5.93
N ALA D 255 0.89 65.14 -6.37
CA ALA D 255 2.29 64.85 -6.06
C ALA D 255 3.23 65.96 -6.53
N GLY D 256 2.94 66.52 -7.70
CA GLY D 256 3.77 67.57 -8.24
C GLY D 256 3.65 68.83 -7.43
N TYR D 257 2.44 69.11 -6.94
CA TYR D 257 2.23 70.31 -6.13
C TYR D 257 2.93 70.14 -4.79
N LEU D 258 2.72 69.00 -4.14
CA LEU D 258 3.34 68.71 -2.85
C LEU D 258 4.85 68.85 -2.92
N ALA D 259 5.44 68.28 -3.95
CA ALA D 259 6.90 68.37 -4.12
C ALA D 259 7.29 69.84 -4.18
N GLY D 260 6.52 70.62 -4.95
CA GLY D 260 6.78 72.04 -5.08
C GLY D 260 6.68 72.74 -3.74
N ALA D 261 5.70 72.33 -2.95
CA ALA D 261 5.50 72.91 -1.62
C ALA D 261 6.64 72.49 -0.71
N VAL D 262 6.92 71.19 -0.67
CA VAL D 262 8.00 70.69 0.16
C VAL D 262 9.30 71.40 -0.17
N TRP D 263 9.47 71.79 -1.44
CA TRP D 263 10.69 72.49 -1.81
C TRP D 263 10.50 74.00 -1.70
N GLY D 264 9.41 74.41 -1.06
CA GLY D 264 9.12 75.83 -0.88
C GLY D 264 9.18 76.64 -2.17
N LEU D 265 8.47 76.16 -3.19
CA LEU D 265 8.45 76.84 -4.47
C LEU D 265 7.26 77.77 -4.58
N PRO D 266 7.39 78.83 -5.40
CA PRO D 266 6.34 79.82 -5.62
C PRO D 266 5.10 79.08 -6.12
N VAL D 267 3.92 79.66 -5.92
CA VAL D 267 2.69 79.01 -6.37
C VAL D 267 2.73 78.80 -7.89
N GLU D 268 3.45 79.67 -8.60
CA GLU D 268 3.55 79.54 -10.05
C GLU D 268 4.27 78.26 -10.38
N GLU D 269 5.36 78.01 -9.66
CA GLU D 269 6.18 76.82 -9.86
C GLU D 269 5.53 75.56 -9.31
N ARG D 270 4.71 75.72 -8.29
CA ARG D 270 4.01 74.57 -7.71
C ARG D 270 2.97 74.08 -8.71
N LEU D 271 2.27 75.02 -9.32
CA LEU D 271 1.26 74.70 -10.32
C LEU D 271 1.92 74.12 -11.56
N ARG D 272 3.02 74.73 -11.99
CA ARG D 272 3.71 74.27 -13.18
C ARG D 272 4.15 72.81 -12.97
N LEU D 273 4.75 72.55 -11.81
CA LEU D 273 5.22 71.22 -11.47
C LEU D 273 4.06 70.20 -11.46
N ALA D 274 2.96 70.57 -10.81
CA ALA D 274 1.80 69.70 -10.72
C ALA D 274 1.20 69.37 -12.10
N ASN D 275 1.00 70.39 -12.92
CA ASN D 275 0.44 70.19 -14.29
C ASN D 275 1.38 69.30 -15.11
N LEU D 276 2.67 69.41 -14.83
CA LEU D 276 3.68 68.63 -15.54
C LEU D 276 3.51 67.14 -15.28
N LEU D 277 3.37 66.77 -14.00
CA LEU D 277 3.20 65.37 -13.62
C LEU D 277 1.86 64.82 -14.10
N GLY D 278 0.80 65.62 -13.97
CA GLY D 278 -0.52 65.20 -14.39
C GLY D 278 -0.55 64.89 -15.87
N ALA D 279 0.17 65.69 -16.66
CA ALA D 279 0.23 65.50 -18.11
C ALA D 279 0.97 64.23 -18.48
N SER D 280 2.12 64.03 -17.84
CA SER D 280 2.96 62.86 -18.09
C SER D 280 2.23 61.55 -17.83
N VAL D 281 1.55 61.46 -16.69
CA VAL D 281 0.80 60.24 -16.35
C VAL D 281 -0.41 60.09 -17.27
N ALA D 282 -0.99 61.23 -17.64
CA ALA D 282 -2.14 61.26 -18.51
C ALA D 282 -1.77 60.68 -19.87
N ALA D 283 -0.60 61.06 -20.34
CA ALA D 283 -0.10 60.60 -21.64
C ALA D 283 0.55 59.21 -21.61
N SER D 284 0.28 58.44 -20.57
CA SER D 284 0.87 57.11 -20.45
C SER D 284 -0.12 56.13 -19.83
N ARG D 285 0.03 54.85 -20.14
CA ARG D 285 -0.86 53.85 -19.57
C ARG D 285 -0.45 53.46 -18.16
N GLY D 286 -1.37 52.81 -17.44
CA GLY D 286 -1.10 52.40 -16.08
C GLY D 286 -1.58 53.46 -15.12
N ASP D 287 -1.50 53.18 -13.82
CA ASP D 287 -1.92 54.11 -12.79
C ASP D 287 -0.97 55.28 -12.56
N HIS D 288 0.33 54.99 -12.56
CA HIS D 288 1.33 56.04 -12.36
C HIS D 288 2.63 55.75 -13.09
N GLU D 289 2.54 55.00 -14.19
CA GLU D 289 3.72 54.64 -14.95
C GLU D 289 4.39 55.82 -15.64
N GLY D 290 3.64 56.87 -15.92
CA GLY D 290 4.21 58.03 -16.59
C GLY D 290 4.93 59.02 -15.71
N ALA D 291 4.79 58.87 -14.39
CA ALA D 291 5.45 59.79 -13.45
C ALA D 291 6.93 59.98 -13.78
N PRO D 292 7.36 61.24 -13.94
CA PRO D 292 8.76 61.54 -14.25
C PRO D 292 9.68 61.48 -13.05
N TYR D 293 10.99 61.48 -13.32
CA TYR D 293 11.97 61.43 -12.26
C TYR D 293 12.62 62.79 -12.09
N ARG D 294 13.36 62.95 -11.00
CA ARG D 294 14.04 64.20 -10.69
C ARG D 294 14.88 64.63 -11.90
N GLU D 295 15.70 63.70 -12.39
CA GLU D 295 16.58 63.99 -13.52
C GLU D 295 15.89 64.50 -14.77
N ASP D 296 14.59 64.23 -14.89
CA ASP D 296 13.84 64.70 -16.06
C ASP D 296 13.57 66.19 -15.91
N LEU D 297 13.22 66.62 -14.70
CA LEU D 297 12.95 68.03 -14.44
C LEU D 297 14.26 68.77 -14.63
N GLU D 298 15.31 68.24 -14.03
CA GLU D 298 16.65 68.82 -14.11
C GLU D 298 16.95 69.20 -15.56
N VAL D 299 16.69 68.26 -16.46
CA VAL D 299 16.95 68.45 -17.89
C VAL D 299 16.00 69.40 -18.61
N LEU D 300 14.71 69.35 -18.30
CA LEU D 300 13.75 70.26 -18.92
C LEU D 300 13.73 71.36 -17.93
N LEU D 301 13.65 70.84 -16.80
PG ATP E . 19.06 -55.01 20.48
O1G ATP E . 17.70 -55.10 19.86
O2G ATP E . 19.89 -54.05 19.71
O3G ATP E . 18.94 -54.53 21.86
PB ATP E . 18.91 -57.61 21.19
O1B ATP E . 18.32 -57.13 22.40
O2B ATP E . 17.88 -58.07 20.29
O3B ATP E . 19.79 -56.45 20.48
PA ATP E . 19.32 -59.92 22.52
O1A ATP E . 19.97 -61.18 22.25
O2A ATP E . 17.87 -60.09 22.33
O3A ATP E . 19.90 -58.82 21.53
O5' ATP E . 19.57 -59.48 23.93
C5' ATP E . 19.79 -60.44 24.72
C4' ATP E . 20.40 -59.96 25.99
O4' ATP E . 19.32 -59.19 26.57
C3' ATP E . 20.51 -61.30 26.60
O3' ATP E . 21.80 -61.88 26.61
C2' ATP E . 19.83 -61.09 27.98
O2' ATP E . 20.81 -60.90 28.99
C1' ATP E . 18.92 -59.82 27.84
N9 ATP E . 17.47 -60.15 27.78
C8 ATP E . 16.56 -60.07 26.70
N7 ATP E . 15.34 -60.44 27.00
C5 ATP E . 15.45 -60.77 28.35
C6 ATP E . 14.51 -61.27 29.32
N6 ATP E . 13.23 -61.49 29.02
N1 ATP E . 14.95 -61.53 30.61
C2 ATP E . 16.24 -61.32 30.96
N3 ATP E . 17.22 -60.86 30.15
C4 ATP E . 16.74 -60.61 28.82
PG ATP F . -2.14 -25.16 3.25
O1G ATP F . -1.26 -25.08 4.46
O2G ATP F . -1.53 -26.10 2.28
O3G ATP F . -3.47 -25.65 3.62
PB ATP F . -2.79 -22.56 3.57
O1B ATP F . -3.85 -23.07 4.38
O2B ATP F . -1.71 -22.12 4.43
O3B ATP F . -2.26 -23.70 2.56
PA ATP F . -4.17 -20.25 3.48
O1A ATP F . -4.03 -18.97 2.81
O2A ATP F . -3.71 -20.10 4.87
O3A ATP F . -3.31 -21.34 2.69
O5' ATP F . -5.60 -20.70 3.50
C5' ATP F . -6.42 -19.73 3.46
C4' ATP F . -7.79 -20.21 3.09
O4' ATP F . -8.15 -21.00 4.25
C3' ATP F . -8.41 -18.86 3.12
O3' ATP F . -8.68 -18.27 1.86
C2' ATP F . -9.64 -19.10 4.05
O2' ATP F . -10.82 -19.26 3.29
C1' ATP F . -9.32 -20.38 4.90
N9 ATP F . -8.97 -20.08 6.32
C8 ATP F . -7.74 -20.18 7.01
N7 ATP F . -7.80 -19.83 8.26
C5 ATP F . -9.14 -19.49 8.42
C6 ATP F . -9.91 -19.00 9.54
N6 ATP F . -9.37 -18.82 10.73
N1 ATP F . -11.27 -18.75 9.36
C2 ATP F . -11.86 -18.93 8.16
N3 ATP F . -11.24 -19.37 7.02
C4 ATP F . -9.85 -19.63 7.24
PG ATP G . -9.68 19.72 -12.99
O1G ATP G . -8.49 20.55 -12.61
O2G ATP G . -10.92 20.36 -12.49
O3G ATP G . -9.76 19.63 -14.46
PB ATP G . -8.18 17.49 -12.74
O1B ATP G . -7.87 17.70 -14.11
O2B ATP G . -7.10 17.99 -11.91
O3B ATP G . -9.55 18.25 -12.34
PA ATP G . -7.26 14.98 -13.07
O1A ATP G . -7.18 13.78 -12.26
O2A ATP G . -5.94 15.64 -13.07
O3A ATP G . -8.38 15.93 -12.45
O5' ATP G . -7.64 14.66 -14.48
C5' ATP G . -7.28 13.49 -14.84
C4' ATP G . -8.00 13.07 -16.07
O4' ATP G . -7.45 13.98 -17.06
C3' ATP G . -7.37 11.73 -16.15
O3' ATP G . -8.18 10.64 -15.74
C2' ATP G . -6.83 11.70 -17.60
O2' ATP G . -7.71 10.97 -18.44
C1' ATP G . -6.72 13.20 -18.07
N9 ATP G . -5.31 13.68 -18.13
C8 ATP G . -4.62 14.61 -17.33
N7 ATP G . -3.38 14.80 -17.67
C5 ATP G . -3.23 13.95 -18.76
C6 ATP G . -2.13 13.66 -19.64
N6 ATP G . -0.94 14.23 -19.49
N1 ATP G . -2.30 12.73 -20.67
C2 ATP G . -3.50 12.14 -20.84
N3 ATP G . -4.62 12.32 -20.09
C4 ATP G . -4.40 13.27 -19.05
PG ATP H . -7.59 60.40 -10.92
O1G ATP H . -8.34 59.57 -11.92
O2G ATP H . -7.67 59.74 -9.60
O3G ATP H . -6.17 60.51 -11.32
PB ATP H . -8.32 62.64 -12.24
O1B ATP H . -7.13 62.44 -12.99
O2B ATP H . -9.45 62.14 -13.00
O3B ATP H . -8.25 61.86 -10.82
PA ATP H . -8.32 65.15 -13.19
O1A ATP H . -9.12 66.35 -12.99
O2A ATP H . -8.74 64.51 -14.44
O3A ATP H . -8.53 64.19 -11.93
O5' ATP H . -6.87 65.49 -13.29
C5' ATP H . -6.65 66.68 -13.72
C4' ATP H . -5.26 67.09 -13.44
O4' ATP H . -4.50 66.20 -14.31
C3' ATP H . -5.41 68.43 -14.04
O3' ATP H . -5.53 69.52 -13.13
C2' ATP H . -4.20 68.48 -15.02
O2' ATP H . -3.13 69.21 -14.45
C1' ATP H . -3.79 67.00 -15.31
N9 ATP H . -4.19 66.52 -16.66
C8 ATP H . -5.17 65.60 -17.06
N7 ATP H . -5.25 65.42 -18.35
C5 ATP H . -4.27 66.27 -18.83
C6 ATP H . -3.81 66.60 -20.17
N6 ATP H . -4.33 66.03 -21.24
N1 ATP H . -2.77 67.52 -20.31
C2 ATP H . -2.23 68.11 -19.23
N3 ATP H . -2.56 67.91 -17.94
C4 ATP H . -3.63 66.96 -17.81
#